data_3GZA
#
_entry.id   3GZA
#
_cell.length_a   117.052
_cell.length_b   81.532
_cell.length_c   111.572
_cell.angle_alpha   90.00
_cell.angle_beta   103.55
_cell.angle_gamma   90.00
#
_symmetry.space_group_name_H-M   'C 1 2 1'
#
loop_
_entity.id
_entity.type
_entity.pdbx_description
1 polymer 'putative alpha-L-fucosidase'
2 non-polymer '4-(2-HYDROXYETHYL)-1-PIPERAZINE ETHANESULFONIC ACID'
3 non-polymer 1,2-ETHANEDIOL
4 non-polymer 'SODIUM ION'
5 non-polymer 'UNKNOWN LIGAND'
6 water water
#
_entity_poly.entity_id   1
_entity_poly.type   'polypeptide(L)'
_entity_poly.pdbx_seq_one_letter_code
;GAQQQELPVPKPHQLKWHEAE(MSE)GAVFHYDLHVFDGIRYGQGNNRINPIEDYNIFNPTELNTDQWVQAAKAAGCKFA
VLTATHETGFGLWQSDVNPYCLKAVKWRDGKGDIVRDFVNSCRKYGLQPGIYIGIRWNSLLGIHNFKAEGEGAFARNRQA
WYKRLCEK(MSE)VTELCTRYGDLY(MSE)IWFDGGADDPRADGPDVEPIVNKYQPNCLFYHNIDRADFRWGGSETGTVE
YPCWSTFPVPCSHHKRIESSIDQLELLKHGDKNGRYWVPA(MSE)ADTPLRGANGRHEWFWEPDDENNIYPLNTL(MSE)
DKYEKSVGRNATLILGLTPDPTGLIPAGDAQRLKE(MSE)GDEINRRFSSPIARISGQKKSLTLKLGKEQSVNYCIIQEN
IKNGERIRQYQIEAKVNGKWQTVCKGESVGHKRIEKFEPVEATALRLTVSESIALPDIINFSAYSVK
;
_entity_poly.pdbx_strand_id   A,B
#
loop_
_chem_comp.id
_chem_comp.type
_chem_comp.name
_chem_comp.formula
EDO non-polymer 1,2-ETHANEDIOL 'C2 H6 O2'
EPE non-polymer '4-(2-HYDROXYETHYL)-1-PIPERAZINE ETHANESULFONIC ACID' 'C8 H18 N2 O4 S'
NA non-polymer 'SODIUM ION' 'Na 1'
UNL non-polymer 'UNKNOWN LIGAND' ?
#
# COMPACT_ATOMS: atom_id res chain seq x y z
N GLU A 6 44.17 2.97 -25.92
CA GLU A 6 43.40 1.68 -26.10
C GLU A 6 41.97 1.95 -26.61
N LEU A 7 41.46 1.14 -27.55
CA LEU A 7 40.11 1.33 -28.07
C LEU A 7 39.06 1.03 -27.01
N PRO A 8 37.93 1.78 -27.02
CA PRO A 8 36.86 1.37 -26.13
C PRO A 8 36.35 0.00 -26.57
N VAL A 9 36.00 -0.84 -25.59
CA VAL A 9 35.47 -2.18 -25.83
C VAL A 9 34.36 -2.47 -24.83
N PRO A 10 33.48 -3.44 -25.12
CA PRO A 10 32.46 -3.80 -24.13
C PRO A 10 33.08 -4.36 -22.86
N LYS A 11 32.42 -4.17 -21.73
CA LYS A 11 32.81 -4.89 -20.55
C LYS A 11 32.36 -6.33 -20.77
N PRO A 12 33.00 -7.27 -20.08
CA PRO A 12 32.61 -8.64 -20.27
C PRO A 12 31.09 -8.90 -20.19
N HIS A 13 30.35 -8.24 -19.27
CA HIS A 13 28.93 -8.52 -19.13
C HIS A 13 28.08 -7.85 -20.21
N GLN A 14 28.69 -7.01 -21.05
CA GLN A 14 27.98 -6.38 -22.14
C GLN A 14 28.02 -7.26 -23.40
N LEU A 15 28.86 -8.29 -23.44
CA LEU A 15 28.92 -9.13 -24.66
C LEU A 15 27.56 -9.79 -24.92
N LYS A 16 26.86 -10.20 -23.88
CA LYS A 16 25.54 -10.87 -24.05
CA LYS A 16 25.54 -10.86 -24.03
C LYS A 16 24.48 -9.93 -24.56
N TRP A 17 24.70 -8.62 -24.42
CA TRP A 17 23.80 -7.61 -24.97
C TRP A 17 23.88 -7.68 -26.50
N HIS A 18 25.08 -7.54 -27.02
CA HIS A 18 25.27 -7.59 -28.48
C HIS A 18 24.87 -8.94 -29.06
N GLU A 19 25.32 -10.01 -28.41
CA GLU A 19 25.08 -11.37 -28.94
C GLU A 19 23.62 -11.79 -28.97
N ALA A 20 22.82 -11.29 -28.04
CA ALA A 20 21.40 -11.68 -28.02
C ALA A 20 20.69 -11.26 -29.27
N GLU A 21 20.95 -10.03 -29.75
CA GLU A 21 20.30 -9.43 -30.93
C GLU A 21 18.85 -9.07 -30.77
N MSE A 22 18.08 -9.94 -30.12
CA MSE A 22 16.67 -9.70 -29.94
C MSE A 22 16.24 -10.16 -28.57
O MSE A 22 16.75 -11.18 -28.05
CB MSE A 22 15.87 -10.48 -30.92
CG MSE A 22 15.98 -10.05 -32.32
SE MSE A 22 14.85 -11.17 -33.49
CE MSE A 22 13.16 -10.60 -32.69
N GLY A 23 15.28 -9.44 -28.03
CA GLY A 23 14.64 -9.79 -26.76
C GLY A 23 13.21 -9.30 -26.72
N ALA A 24 12.51 -9.64 -25.63
CA ALA A 24 11.14 -9.20 -25.45
C ALA A 24 10.95 -8.58 -24.07
N VAL A 25 10.06 -7.60 -24.01
CA VAL A 25 9.61 -7.03 -22.73
C VAL A 25 8.05 -7.28 -22.67
N PHE A 26 7.59 -7.77 -21.53
CA PHE A 26 6.22 -8.07 -21.26
C PHE A 26 5.70 -7.07 -20.24
N HIS A 27 4.77 -6.21 -20.65
CA HIS A 27 4.13 -5.25 -19.76
C HIS A 27 2.83 -5.86 -19.22
N TYR A 28 2.64 -5.80 -17.90
CA TYR A 28 1.47 -6.34 -17.25
C TYR A 28 1.27 -5.55 -15.95
N ASP A 29 0.08 -5.04 -15.75
CA ASP A 29 -0.27 -4.30 -14.56
C ASP A 29 -1.78 -4.36 -14.43
N LEU A 30 -2.31 -3.77 -13.34
CA LEU A 30 -3.73 -3.98 -13.00
C LEU A 30 -4.73 -3.54 -14.07
N HIS A 31 -4.44 -2.48 -14.77
CA HIS A 31 -5.34 -1.90 -15.75
C HIS A 31 -5.51 -2.77 -16.98
N VAL A 32 -4.66 -3.79 -17.19
CA VAL A 32 -4.92 -4.72 -18.28
C VAL A 32 -6.29 -5.42 -18.14
N PHE A 33 -6.82 -5.46 -16.90
CA PHE A 33 -8.04 -6.18 -16.59
C PHE A 33 -9.28 -5.30 -16.46
N ASP A 34 -9.13 -4.02 -16.82
CA ASP A 34 -10.21 -3.05 -16.63
C ASP A 34 -11.22 -2.90 -17.76
N GLY A 35 -11.02 -3.68 -18.83
CA GLY A 35 -11.93 -3.66 -19.94
C GLY A 35 -11.95 -2.44 -20.86
N ILE A 36 -10.98 -1.55 -20.72
CA ILE A 36 -10.88 -0.36 -21.54
C ILE A 36 -9.46 -0.10 -21.98
N ARG A 37 -9.31 0.85 -22.92
CA ARG A 37 -8.01 1.19 -23.39
C ARG A 37 -7.16 1.82 -22.31
N TYR A 38 -5.85 1.73 -22.48
CA TYR A 38 -4.85 2.30 -21.61
C TYR A 38 -4.70 3.77 -21.88
N GLY A 39 -4.75 4.58 -20.82
CA GLY A 39 -4.54 6.04 -20.94
C GLY A 39 -3.42 6.33 -19.97
N GLN A 40 -2.20 6.56 -20.47
CA GLN A 40 -1.02 6.69 -19.64
C GLN A 40 -1.09 7.83 -18.66
N GLY A 41 -1.52 8.98 -19.14
CA GLY A 41 -1.64 10.17 -18.31
C GLY A 41 -2.57 9.92 -17.14
N ASN A 42 -3.70 9.34 -17.46
CA ASN A 42 -4.73 9.03 -16.46
C ASN A 42 -4.23 7.98 -15.49
N ASN A 43 -3.65 6.91 -16.02
CA ASN A 43 -3.20 5.81 -15.16
C ASN A 43 -2.18 6.25 -14.14
N ARG A 44 -1.26 7.14 -14.50
CA ARG A 44 -0.20 7.57 -13.59
C ARG A 44 -0.75 8.34 -12.39
N ILE A 45 -1.93 8.95 -12.53
CA ILE A 45 -2.43 9.84 -11.46
C ILE A 45 -3.82 9.48 -10.91
N ASN A 46 -4.31 8.29 -11.22
CA ASN A 46 -5.62 7.80 -10.74
C ASN A 46 -5.40 6.41 -10.16
N PRO A 47 -5.24 6.30 -8.84
CA PRO A 47 -5.01 5.00 -8.28
C PRO A 47 -6.13 4.01 -8.68
N ILE A 48 -5.76 2.72 -8.76
CA ILE A 48 -6.69 1.69 -9.16
C ILE A 48 -7.82 1.52 -8.14
N GLU A 49 -9.04 1.52 -8.63
CA GLU A 49 -10.23 1.39 -7.74
C GLU A 49 -10.38 0.04 -7.07
N ASP A 50 -10.13 -1.03 -7.80
CA ASP A 50 -10.25 -2.38 -7.26
C ASP A 50 -9.20 -3.26 -7.85
N TYR A 51 -8.22 -3.62 -7.06
CA TYR A 51 -7.17 -4.46 -7.57
C TYR A 51 -7.58 -5.92 -7.80
N ASN A 52 -8.74 -6.35 -7.31
CA ASN A 52 -9.18 -7.71 -7.58
C ASN A 52 -9.71 -7.95 -8.99
N ILE A 53 -9.65 -6.93 -9.83
CA ILE A 53 -9.88 -7.19 -11.24
C ILE A 53 -8.72 -8.07 -11.77
N PHE A 54 -7.60 -8.09 -11.04
CA PHE A 54 -6.45 -8.89 -11.44
C PHE A 54 -6.77 -10.36 -11.19
N ASN A 55 -7.06 -11.11 -12.25
CA ASN A 55 -7.45 -12.51 -12.14
C ASN A 55 -7.15 -13.32 -13.40
N PRO A 56 -5.86 -13.48 -13.76
CA PRO A 56 -5.48 -14.21 -14.99
C PRO A 56 -5.58 -15.73 -14.69
N THR A 57 -6.77 -16.28 -14.83
CA THR A 57 -7.00 -17.66 -14.44
C THR A 57 -6.33 -18.72 -15.35
N GLU A 58 -5.85 -18.31 -16.53
CA GLU A 58 -5.13 -19.20 -17.46
CA GLU A 58 -5.14 -19.20 -17.46
C GLU A 58 -3.67 -18.82 -17.56
N LEU A 59 -3.17 -18.10 -16.56
CA LEU A 59 -1.76 -17.66 -16.61
C LEU A 59 -0.84 -18.81 -16.89
N ASN A 60 0.05 -18.61 -17.87
CA ASN A 60 1.07 -19.58 -18.18
C ASN A 60 2.29 -18.87 -18.75
N THR A 61 3.26 -18.53 -17.91
CA THR A 61 4.45 -17.83 -18.41
C THR A 61 5.30 -18.71 -19.33
N ASP A 62 5.13 -20.04 -19.29
CA ASP A 62 5.86 -20.86 -20.28
C ASP A 62 5.38 -20.42 -21.66
N GLN A 63 4.07 -20.20 -21.83
CA GLN A 63 3.49 -19.82 -23.15
C GLN A 63 4.03 -18.48 -23.61
N TRP A 64 4.20 -17.57 -22.66
CA TRP A 64 4.80 -16.25 -22.98
C TRP A 64 6.22 -16.39 -23.54
N VAL A 65 7.04 -17.16 -22.84
CA VAL A 65 8.42 -17.34 -23.18
C VAL A 65 8.54 -18.09 -24.50
N GLN A 66 7.74 -19.12 -24.71
CA GLN A 66 7.82 -19.82 -25.97
C GLN A 66 7.42 -18.94 -27.12
N ALA A 67 6.45 -18.08 -26.90
CA ALA A 67 5.99 -17.18 -27.97
C ALA A 67 7.12 -16.24 -28.39
N ALA A 68 7.85 -15.69 -27.42
CA ALA A 68 8.98 -14.77 -27.68
C ALA A 68 10.15 -15.53 -28.34
N LYS A 69 10.41 -16.72 -27.84
CA LYS A 69 11.48 -17.51 -28.36
C LYS A 69 11.29 -17.78 -29.84
N ALA A 70 10.04 -17.98 -30.25
CA ALA A 70 9.75 -18.29 -31.66
C ALA A 70 10.12 -17.16 -32.62
N ALA A 71 10.24 -15.95 -32.08
CA ALA A 71 10.64 -14.79 -32.90
C ALA A 71 12.14 -14.63 -33.05
N GLY A 72 12.89 -15.37 -32.23
CA GLY A 72 14.32 -15.19 -32.14
C GLY A 72 14.80 -14.51 -30.85
N CYS A 73 13.90 -14.20 -29.93
CA CYS A 73 14.28 -13.54 -28.67
C CYS A 73 15.16 -14.45 -27.82
N LYS A 74 16.24 -13.86 -27.29
CA LYS A 74 17.22 -14.56 -26.45
C LYS A 74 17.11 -14.17 -24.99
N PHE A 75 16.42 -13.07 -24.73
CA PHE A 75 16.18 -12.61 -23.36
C PHE A 75 14.76 -12.14 -23.28
N ALA A 76 14.21 -12.11 -22.07
CA ALA A 76 12.79 -11.71 -21.86
C ALA A 76 12.75 -10.99 -20.51
N VAL A 77 12.03 -9.89 -20.49
CA VAL A 77 11.92 -9.00 -19.33
C VAL A 77 10.46 -8.81 -18.97
N LEU A 78 10.17 -8.80 -17.66
CA LEU A 78 8.84 -8.55 -17.15
C LEU A 78 8.77 -7.34 -16.26
N THR A 79 7.72 -6.52 -16.44
CA THR A 79 7.47 -5.39 -15.58
C THR A 79 7.02 -5.87 -14.20
N ALA A 80 7.94 -5.89 -13.24
CA ALA A 80 7.59 -6.21 -11.88
C ALA A 80 6.69 -5.16 -11.27
N THR A 81 6.98 -3.91 -11.57
CA THR A 81 6.08 -2.75 -11.32
C THR A 81 6.14 -1.86 -12.58
N HIS A 82 5.17 -0.96 -12.67
CA HIS A 82 5.07 -0.04 -13.77
C HIS A 82 4.65 1.31 -13.23
N GLU A 83 3.35 1.67 -13.31
CA GLU A 83 2.87 2.96 -12.86
C GLU A 83 1.87 2.92 -11.73
N THR A 84 1.17 1.81 -11.51
CA THR A 84 0.12 1.80 -10.48
C THR A 84 0.69 1.68 -9.08
N GLY A 85 1.92 1.18 -9.02
CA GLY A 85 2.59 0.82 -7.79
C GLY A 85 2.46 -0.65 -7.46
N PHE A 86 1.62 -1.42 -8.17
CA PHE A 86 1.38 -2.79 -7.85
C PHE A 86 2.55 -3.62 -8.28
N GLY A 87 2.94 -4.58 -7.46
CA GLY A 87 4.03 -5.44 -7.77
C GLY A 87 3.67 -6.89 -8.02
N LEU A 88 4.21 -7.47 -9.09
CA LEU A 88 3.92 -8.83 -9.52
C LEU A 88 4.78 -9.91 -8.87
N TRP A 89 5.09 -9.75 -7.57
CA TRP A 89 5.87 -10.73 -6.84
C TRP A 89 5.40 -10.73 -5.38
N GLN A 90 5.97 -11.67 -4.62
CA GLN A 90 5.73 -11.77 -3.17
C GLN A 90 6.72 -10.84 -2.46
N SER A 91 6.30 -9.58 -2.27
CA SER A 91 7.20 -8.62 -1.64
C SER A 91 6.91 -8.50 -0.16
N ASP A 92 7.96 -8.26 0.61
CA ASP A 92 7.85 -8.00 2.05
C ASP A 92 8.01 -6.52 2.41
N VAL A 93 8.06 -5.69 1.37
CA VAL A 93 8.24 -4.25 1.55
C VAL A 93 7.23 -3.42 0.84
N ASN A 94 6.77 -3.88 -0.33
CA ASN A 94 5.66 -3.23 -1.03
C ASN A 94 4.41 -4.07 -0.77
N PRO A 95 3.50 -3.63 0.10
CA PRO A 95 2.32 -4.45 0.44
C PRO A 95 1.33 -4.51 -0.73
N TYR A 96 1.47 -3.58 -1.68
CA TYR A 96 0.61 -3.52 -2.86
C TYR A 96 1.19 -4.44 -3.93
N CYS A 97 1.02 -5.72 -3.66
CA CYS A 97 1.60 -6.78 -4.50
C CYS A 97 0.67 -7.99 -4.50
N LEU A 98 1.18 -9.10 -5.04
CA LEU A 98 0.37 -10.30 -5.15
C LEU A 98 -0.12 -10.89 -3.85
N LYS A 99 0.48 -10.50 -2.72
CA LYS A 99 -0.03 -10.91 -1.41
C LYS A 99 -1.45 -10.35 -1.16
N ALA A 100 -1.80 -9.26 -1.81
CA ALA A 100 -3.05 -8.57 -1.51
C ALA A 100 -4.27 -9.12 -2.17
N VAL A 101 -4.07 -9.90 -3.25
CA VAL A 101 -5.17 -10.25 -4.11
C VAL A 101 -5.71 -11.63 -3.87
N LYS A 102 -6.96 -11.85 -4.27
CA LYS A 102 -7.63 -13.16 -4.13
C LYS A 102 -7.06 -14.23 -5.08
N TRP A 103 -6.62 -13.79 -6.27
CA TRP A 103 -5.99 -14.68 -7.23
C TRP A 103 -4.82 -15.42 -6.59
N ARG A 104 -4.81 -16.74 -6.79
CA ARG A 104 -3.81 -17.61 -6.18
C ARG A 104 -3.68 -17.49 -4.66
N ASP A 105 -4.79 -17.10 -4.02
CA ASP A 105 -4.92 -17.06 -2.58
CA ASP A 105 -4.91 -17.04 -2.56
C ASP A 105 -3.81 -16.21 -1.94
N GLY A 106 -3.42 -15.17 -2.66
CA GLY A 106 -2.37 -14.27 -2.21
C GLY A 106 -0.97 -14.83 -2.16
N LYS A 107 -0.75 -15.97 -2.82
CA LYS A 107 0.53 -16.64 -2.84
C LYS A 107 1.18 -16.67 -4.22
N GLY A 108 0.61 -15.99 -5.20
CA GLY A 108 1.19 -15.92 -6.51
C GLY A 108 2.49 -15.11 -6.59
N ASP A 109 3.36 -15.48 -7.54
CA ASP A 109 4.56 -14.70 -7.78
C ASP A 109 4.87 -14.86 -9.26
N ILE A 110 4.41 -13.88 -10.03
CA ILE A 110 4.54 -13.98 -11.46
C ILE A 110 5.98 -13.73 -11.89
N VAL A 111 6.74 -12.94 -11.12
CA VAL A 111 8.17 -12.78 -11.42
C VAL A 111 8.85 -14.14 -11.31
N ARG A 112 8.50 -14.91 -10.30
CA ARG A 112 9.08 -16.25 -10.14
C ARG A 112 8.69 -17.19 -11.28
N ASP A 113 7.39 -17.23 -11.57
CA ASP A 113 6.91 -18.05 -12.68
C ASP A 113 7.74 -17.68 -13.93
N PHE A 114 7.87 -16.38 -14.16
CA PHE A 114 8.53 -15.84 -15.35
C PHE A 114 9.98 -16.16 -15.48
N VAL A 115 10.74 -15.97 -14.41
CA VAL A 115 12.16 -16.28 -14.51
C VAL A 115 12.37 -17.77 -14.66
N ASN A 116 11.51 -18.59 -14.03
CA ASN A 116 11.57 -20.01 -14.19
C ASN A 116 11.31 -20.42 -15.66
N SER A 117 10.28 -19.82 -16.26
CA SER A 117 9.93 -20.08 -17.66
C SER A 117 11.07 -19.70 -18.56
N CYS A 118 11.66 -18.52 -18.35
CA CYS A 118 12.80 -18.10 -19.19
C CYS A 118 13.86 -19.17 -19.18
N ARG A 119 14.29 -19.59 -17.99
CA ARG A 119 15.39 -20.53 -17.88
C ARG A 119 15.04 -21.88 -18.47
N LYS A 120 13.79 -22.29 -18.33
CA LYS A 120 13.30 -23.57 -18.89
C LYS A 120 13.51 -23.67 -20.41
N TYR A 121 13.29 -22.55 -21.11
CA TYR A 121 13.38 -22.48 -22.56
C TYR A 121 14.66 -21.84 -23.06
N GLY A 122 15.56 -21.53 -22.16
CA GLY A 122 16.84 -21.01 -22.58
C GLY A 122 16.90 -19.55 -22.90
N LEU A 123 15.98 -18.75 -22.37
CA LEU A 123 16.02 -17.31 -22.53
C LEU A 123 16.54 -16.75 -21.20
N GLN A 124 17.33 -15.69 -21.29
CA GLN A 124 17.87 -15.04 -20.10
C GLN A 124 16.83 -14.07 -19.56
N PRO A 125 16.47 -14.20 -18.28
CA PRO A 125 15.47 -13.32 -17.70
C PRO A 125 15.96 -12.02 -17.19
N GLY A 126 15.24 -10.96 -17.47
CA GLY A 126 15.49 -9.67 -16.88
C GLY A 126 14.25 -9.15 -16.19
N ILE A 127 14.41 -8.08 -15.41
CA ILE A 127 13.30 -7.49 -14.65
C ILE A 127 13.24 -5.99 -14.89
N TYR A 128 12.05 -5.50 -15.18
CA TYR A 128 11.78 -4.08 -15.35
C TYR A 128 11.09 -3.60 -14.07
N ILE A 129 11.50 -2.44 -13.61
CA ILE A 129 10.97 -1.89 -12.36
C ILE A 129 10.63 -0.42 -12.64
N GLY A 130 9.37 -0.07 -12.41
CA GLY A 130 8.92 1.31 -12.56
C GLY A 130 8.87 1.97 -11.20
N ILE A 131 9.76 2.94 -10.97
CA ILE A 131 9.80 3.73 -9.73
CA ILE A 131 9.71 3.70 -9.72
C ILE A 131 9.49 5.21 -9.98
N ARG A 132 9.34 5.60 -11.24
CA ARG A 132 9.13 6.99 -11.60
C ARG A 132 7.71 7.49 -11.33
N TRP A 133 6.75 6.61 -11.55
CA TRP A 133 5.34 6.89 -11.31
C TRP A 133 4.77 5.81 -10.38
N ASN A 134 4.05 6.23 -9.35
CA ASN A 134 3.36 5.29 -8.45
C ASN A 134 2.09 5.99 -8.02
N SER A 135 1.01 5.61 -8.68
CA SER A 135 -0.26 6.29 -8.43
C SER A 135 -0.75 6.09 -7.01
N LEU A 136 -0.57 4.90 -6.48
CA LEU A 136 -1.06 4.64 -5.11
C LEU A 136 -0.36 5.53 -4.10
N LEU A 137 0.97 5.59 -4.18
CA LEU A 137 1.81 6.26 -3.21
C LEU A 137 2.07 7.72 -3.45
N GLY A 138 1.54 8.27 -4.54
CA GLY A 138 1.69 9.69 -4.74
C GLY A 138 3.06 10.08 -5.26
N ILE A 139 3.67 9.26 -6.14
CA ILE A 139 4.96 9.60 -6.73
C ILE A 139 4.74 10.00 -8.19
N HIS A 140 5.28 11.15 -8.60
CA HIS A 140 5.11 11.65 -9.95
C HIS A 140 6.49 12.12 -10.41
N ASN A 141 6.96 11.56 -11.51
CA ASN A 141 8.27 11.92 -12.06
C ASN A 141 9.35 11.85 -11.01
N PHE A 142 9.35 10.70 -10.31
CA PHE A 142 10.27 10.34 -9.24
C PHE A 142 10.03 11.02 -7.90
N LYS A 143 9.16 12.02 -7.86
CA LYS A 143 8.99 12.85 -6.67
C LYS A 143 7.74 12.56 -5.87
N ALA A 144 7.87 12.41 -4.56
CA ALA A 144 6.74 12.33 -3.64
C ALA A 144 6.11 13.70 -3.61
N GLU A 145 4.81 13.75 -3.83
CA GLU A 145 4.11 15.01 -3.83
C GLU A 145 3.97 15.56 -2.45
N GLY A 146 4.11 16.87 -2.32
CA GLY A 146 3.99 17.54 -1.06
C GLY A 146 5.11 18.55 -0.95
N GLU A 147 5.23 19.16 0.23
CA GLU A 147 6.28 20.14 0.44
C GLU A 147 6.84 19.98 1.84
N GLY A 148 7.92 20.72 2.11
CA GLY A 148 8.50 20.79 3.46
C GLY A 148 9.06 19.51 4.01
N ALA A 149 9.08 19.39 5.33
CA ALA A 149 9.62 18.21 6.00
C ALA A 149 8.86 16.95 5.57
N PHE A 150 7.54 17.07 5.43
CA PHE A 150 6.75 15.92 5.00
C PHE A 150 7.31 15.33 3.70
N ALA A 151 7.54 16.18 2.70
CA ALA A 151 8.01 15.72 1.40
C ALA A 151 9.47 15.25 1.47
N ARG A 152 10.30 15.93 2.25
CA ARG A 152 11.72 15.48 2.39
C ARG A 152 11.79 14.10 3.01
N ASN A 153 11.05 13.91 4.09
CA ASN A 153 11.01 12.63 4.75
C ASN A 153 10.39 11.54 3.89
N ARG A 154 9.30 11.90 3.19
CA ARG A 154 8.64 10.91 2.36
C ARG A 154 9.53 10.53 1.17
N GLN A 155 10.25 11.48 0.61
CA GLN A 155 11.13 11.14 -0.48
C GLN A 155 12.24 10.18 0.02
N ALA A 156 12.76 10.42 1.21
CA ALA A 156 13.84 9.58 1.79
C ALA A 156 13.28 8.15 1.97
N TRP A 157 12.07 8.07 2.49
CA TRP A 157 11.39 6.78 2.68
C TRP A 157 11.15 6.06 1.38
N TYR A 158 10.65 6.78 0.36
CA TYR A 158 10.37 6.20 -0.91
C TYR A 158 11.67 5.67 -1.55
N LYS A 159 12.74 6.43 -1.46
CA LYS A 159 14.01 5.95 -1.97
C LYS A 159 14.40 4.60 -1.31
N ARG A 160 14.25 4.51 -0.01
CA ARG A 160 14.56 3.25 0.69
C ARG A 160 13.63 2.16 0.26
N LEU A 161 12.34 2.48 0.05
CA LEU A 161 11.38 1.46 -0.37
C LEU A 161 11.83 0.89 -1.70
N CYS A 162 12.22 1.77 -2.61
CA CYS A 162 12.67 1.35 -3.93
C CYS A 162 13.93 0.52 -3.85
N GLU A 163 14.88 0.95 -3.03
CA GLU A 163 16.12 0.19 -2.77
C GLU A 163 15.76 -1.22 -2.26
N LYS A 164 14.80 -1.28 -1.34
CA LYS A 164 14.40 -2.60 -0.82
C LYS A 164 13.71 -3.48 -1.86
N MSE A 165 12.88 -2.91 -2.71
CA MSE A 165 12.23 -3.64 -3.79
C MSE A 165 13.29 -4.19 -4.75
O MSE A 165 13.27 -5.36 -5.12
CB MSE A 165 11.22 -2.80 -4.55
CG MSE A 165 9.94 -2.48 -3.74
SE MSE A 165 8.58 -1.66 -4.82
CE MSE A 165 9.37 0.00 -5.23
N VAL A 166 14.24 -3.33 -5.11
CA VAL A 166 15.34 -3.73 -5.99
C VAL A 166 16.12 -4.84 -5.35
N THR A 167 16.34 -4.75 -4.06
CA THR A 167 17.13 -5.78 -3.37
C THR A 167 16.38 -7.12 -3.45
N GLU A 168 15.09 -7.11 -3.21
CA GLU A 168 14.31 -8.38 -3.30
C GLU A 168 14.48 -8.99 -4.68
N LEU A 169 14.26 -8.16 -5.69
CA LEU A 169 14.29 -8.62 -7.08
C LEU A 169 15.66 -9.10 -7.53
N CYS A 170 16.70 -8.54 -6.92
CA CYS A 170 18.12 -8.92 -7.25
C CYS A 170 18.67 -10.06 -6.42
N THR A 171 17.93 -10.50 -5.40
CA THR A 171 18.43 -11.57 -4.51
C THR A 171 17.61 -12.83 -4.50
N ARG A 172 16.37 -12.79 -4.93
CA ARG A 172 15.50 -13.96 -4.76
C ARG A 172 15.10 -14.64 -6.06
N TYR A 173 15.61 -14.18 -7.21
CA TYR A 173 15.17 -14.67 -8.50
C TYR A 173 16.30 -15.11 -9.45
N GLY A 174 17.43 -15.46 -8.87
CA GLY A 174 18.57 -15.91 -9.67
C GLY A 174 19.27 -14.77 -10.40
N ASP A 175 20.22 -15.15 -11.27
CA ASP A 175 21.03 -14.18 -12.03
C ASP A 175 20.23 -13.61 -13.17
N LEU A 176 20.27 -12.28 -13.29
CA LEU A 176 19.44 -11.55 -14.24
C LEU A 176 20.25 -10.95 -15.41
N TYR A 177 19.54 -10.83 -16.52
CA TYR A 177 20.10 -10.30 -17.75
C TYR A 177 20.23 -8.80 -17.67
N MSE A 178 19.15 -8.16 -17.24
CA MSE A 178 19.18 -6.72 -17.05
C MSE A 178 18.18 -6.38 -15.97
O MSE A 178 17.27 -7.19 -15.65
CB MSE A 178 18.70 -5.97 -18.32
CG MSE A 178 17.28 -6.13 -18.70
SE MSE A 178 16.67 -4.92 -20.04
CE MSE A 178 17.60 -5.63 -21.57
N ILE A 179 18.38 -5.17 -15.43
CA ILE A 179 17.40 -4.46 -14.60
CA ILE A 179 17.41 -4.47 -14.60
C ILE A 179 17.15 -3.19 -15.42
N TRP A 180 15.90 -2.97 -15.80
CA TRP A 180 15.44 -1.87 -16.60
C TRP A 180 14.50 -1.03 -15.76
N PHE A 181 14.87 0.20 -15.50
CA PHE A 181 14.02 1.13 -14.77
C PHE A 181 13.27 2.00 -15.75
N ASP A 182 11.95 2.16 -15.51
CA ASP A 182 11.10 3.02 -16.36
C ASP A 182 11.57 4.45 -16.38
N GLY A 183 12.13 4.87 -17.49
CA GLY A 183 12.71 6.19 -17.55
C GLY A 183 13.94 6.38 -16.69
N GLY A 184 14.58 5.28 -16.31
CA GLY A 184 15.78 5.27 -15.49
C GLY A 184 15.42 5.40 -14.00
N ALA A 185 16.47 5.55 -13.18
CA ALA A 185 16.31 5.66 -11.72
C ALA A 185 16.82 7.01 -11.24
N ASP A 186 16.84 7.97 -12.16
CA ASP A 186 17.16 9.35 -11.83
C ASP A 186 18.55 9.51 -11.14
N ASP A 187 18.62 10.30 -10.07
CA ASP A 187 19.86 10.73 -9.49
C ASP A 187 19.92 10.34 -8.01
N PRO A 188 20.86 9.46 -7.63
CA PRO A 188 20.88 9.00 -6.26
C PRO A 188 21.26 10.04 -5.25
N ARG A 189 21.77 11.19 -5.69
CA ARG A 189 22.14 12.29 -4.81
CA ARG A 189 22.13 12.26 -4.79
C ARG A 189 20.94 13.20 -4.59
N ALA A 190 19.84 12.92 -5.28
CA ALA A 190 18.63 13.75 -5.24
C ALA A 190 17.39 12.90 -5.09
N ASP A 191 16.47 12.89 -6.07
CA ASP A 191 15.23 12.16 -5.88
C ASP A 191 15.31 10.64 -6.08
N GLY A 192 16.35 10.20 -6.79
CA GLY A 192 16.45 8.79 -7.16
C GLY A 192 17.02 7.89 -6.06
N PRO A 193 16.66 6.59 -6.11
CA PRO A 193 17.13 5.63 -5.13
C PRO A 193 18.54 5.22 -5.44
N ASP A 194 19.30 4.81 -4.43
CA ASP A 194 20.69 4.49 -4.63
C ASP A 194 20.78 2.99 -4.95
N VAL A 195 20.48 2.70 -6.23
CA VAL A 195 20.32 1.34 -6.70
C VAL A 195 21.53 0.70 -7.38
N GLU A 196 22.46 1.51 -7.90
CA GLU A 196 23.57 0.93 -8.62
C GLU A 196 24.41 0.05 -7.69
N PRO A 197 24.65 0.48 -6.44
CA PRO A 197 25.43 -0.42 -5.58
C PRO A 197 24.76 -1.73 -5.27
N ILE A 198 23.44 -1.72 -5.24
CA ILE A 198 22.66 -2.95 -4.98
C ILE A 198 22.81 -3.91 -6.16
N VAL A 199 22.68 -3.39 -7.36
CA VAL A 199 22.81 -4.20 -8.57
C VAL A 199 24.26 -4.68 -8.67
N ASN A 200 25.24 -3.83 -8.33
CA ASN A 200 26.62 -4.27 -8.42
C ASN A 200 26.95 -5.39 -7.45
N LYS A 201 26.41 -5.30 -6.25
CA LYS A 201 26.70 -6.30 -5.25
C LYS A 201 26.05 -7.65 -5.54
N TYR A 202 24.76 -7.61 -5.82
CA TYR A 202 24.01 -8.86 -5.96
C TYR A 202 23.91 -9.40 -7.36
N GLN A 203 24.12 -8.53 -8.34
CA GLN A 203 23.97 -8.86 -9.74
C GLN A 203 25.13 -8.30 -10.56
N PRO A 204 26.37 -8.68 -10.23
CA PRO A 204 27.53 -8.11 -10.90
C PRO A 204 27.59 -8.30 -12.42
N ASN A 205 26.90 -9.27 -13.00
CA ASN A 205 26.91 -9.45 -14.46
C ASN A 205 25.65 -9.02 -15.15
N CYS A 206 24.77 -8.35 -14.39
CA CYS A 206 23.51 -7.86 -14.90
C CYS A 206 23.65 -6.49 -15.53
N LEU A 207 23.02 -6.28 -16.68
CA LEU A 207 23.04 -4.98 -17.33
C LEU A 207 22.22 -4.02 -16.49
N PHE A 208 22.82 -2.89 -16.19
CA PHE A 208 22.19 -1.84 -15.37
C PHE A 208 21.67 -0.75 -16.31
N TYR A 209 20.33 -0.61 -16.39
CA TYR A 209 19.72 0.34 -17.31
C TYR A 209 18.60 1.04 -16.57
N HIS A 210 18.79 2.24 -16.02
CA HIS A 210 19.94 3.13 -16.09
C HIS A 210 19.67 4.24 -15.10
N ASN A 211 20.67 5.05 -14.82
CA ASN A 211 20.47 6.25 -14.01
C ASN A 211 21.42 7.36 -14.47
N ILE A 212 21.49 8.47 -13.73
CA ILE A 212 22.32 9.56 -14.16
C ILE A 212 23.79 9.23 -14.24
N ASP A 213 24.22 8.22 -13.51
CA ASP A 213 25.65 7.85 -13.43
C ASP A 213 26.05 6.79 -14.44
N ARG A 214 25.10 5.95 -14.82
CA ARG A 214 25.39 4.78 -15.63
C ARG A 214 24.25 4.22 -16.44
N ALA A 215 24.56 3.85 -17.68
CA ALA A 215 23.66 3.10 -18.56
C ALA A 215 24.54 2.08 -19.29
N ASP A 216 24.17 0.81 -19.16
CA ASP A 216 24.90 -0.25 -19.86
C ASP A 216 24.50 -0.43 -21.32
N PHE A 217 23.46 0.26 -21.73
CA PHE A 217 23.06 0.40 -23.12
C PHE A 217 22.20 1.65 -23.17
N ARG A 218 21.86 2.13 -24.36
CA ARG A 218 21.09 3.36 -24.50
C ARG A 218 19.86 3.10 -25.34
N TRP A 219 18.79 3.79 -25.01
CA TRP A 219 17.59 3.79 -25.87
C TRP A 219 17.96 4.54 -27.13
N GLY A 220 17.70 3.90 -28.28
CA GLY A 220 18.06 4.43 -29.59
C GLY A 220 17.26 5.58 -30.15
N GLY A 221 16.54 6.30 -29.31
CA GLY A 221 15.91 7.56 -29.76
C GLY A 221 14.49 7.51 -30.33
N SER A 222 13.89 6.32 -30.44
CA SER A 222 12.52 6.20 -30.91
C SER A 222 12.01 4.83 -30.48
N GLU A 223 10.70 4.63 -30.56
CA GLU A 223 10.08 3.32 -30.32
C GLU A 223 9.59 2.75 -31.68
N THR A 224 10.39 2.96 -32.72
CA THR A 224 10.09 2.46 -34.07
C THR A 224 10.69 1.09 -34.32
N GLY A 225 11.47 0.58 -33.37
CA GLY A 225 12.16 -0.68 -33.54
C GLY A 225 13.33 -0.58 -34.50
N THR A 226 13.85 0.65 -34.66
CA THR A 226 15.00 0.92 -35.53
C THR A 226 15.92 1.88 -34.84
N VAL A 227 17.13 1.96 -35.37
CA VAL A 227 18.09 3.01 -35.06
C VAL A 227 18.45 3.65 -36.39
N GLU A 228 19.22 4.72 -36.38
CA GLU A 228 19.65 5.35 -37.59
C GLU A 228 20.98 4.74 -38.03
N TYR A 229 21.52 5.22 -39.15
CA TYR A 229 22.79 4.73 -39.68
C TYR A 229 23.69 5.90 -40.08
N PRO A 230 24.99 5.88 -39.71
CA PRO A 230 25.70 4.84 -38.93
C PRO A 230 25.21 4.77 -37.50
N CYS A 231 25.44 3.62 -36.86
CA CYS A 231 25.09 3.44 -35.45
C CYS A 231 26.26 2.80 -34.71
N TRP A 232 26.92 3.58 -33.87
CA TRP A 232 28.09 3.17 -33.11
C TRP A 232 27.70 2.84 -31.69
N SER A 233 28.48 2.00 -31.04
CA SER A 233 28.23 1.63 -29.65
C SER A 233 28.85 2.58 -28.66
N THR A 234 29.84 3.33 -29.11
CA THR A 234 30.57 4.27 -28.31
C THR A 234 29.78 5.55 -28.07
N PHE A 235 30.11 6.21 -26.94
CA PHE A 235 29.28 7.28 -26.43
C PHE A 235 30.16 8.25 -25.63
N PRO A 236 29.81 9.54 -25.63
CA PRO A 236 30.67 10.52 -24.96
C PRO A 236 30.70 10.48 -23.44
N VAL A 237 29.69 9.85 -22.84
CA VAL A 237 29.54 9.73 -21.40
C VAL A 237 29.05 8.35 -21.11
N PRO A 238 29.28 7.87 -19.87
CA PRO A 238 28.90 6.51 -19.51
C PRO A 238 27.44 6.30 -19.16
N CYS A 239 26.58 7.16 -19.67
CA CYS A 239 25.16 7.10 -19.41
C CYS A 239 24.43 7.73 -20.58
N SER A 240 23.12 7.67 -20.54
CA SER A 240 22.28 8.25 -21.59
C SER A 240 21.50 9.45 -21.08
N HIS A 241 21.82 9.92 -19.88
CA HIS A 241 21.08 11.01 -19.22
C HIS A 241 21.31 12.39 -19.85
N HIS A 242 20.19 13.07 -20.09
CA HIS A 242 20.23 14.37 -20.75
C HIS A 242 21.07 15.43 -19.99
N LYS A 243 21.17 15.26 -18.66
CA LYS A 243 21.96 16.15 -17.83
C LYS A 243 23.48 15.93 -17.86
N ARG A 244 23.91 14.82 -18.46
N ARG A 244 23.91 14.82 -18.46
CA ARG A 244 25.32 14.48 -18.54
CA ARG A 244 25.33 14.51 -18.56
C ARG A 244 25.90 14.63 -19.94
C ARG A 244 25.90 14.77 -19.94
N ILE A 245 25.05 14.73 -20.96
CA ILE A 245 25.47 14.97 -22.36
C ILE A 245 25.75 16.48 -22.53
N GLU A 246 26.84 16.80 -23.23
CA GLU A 246 27.23 18.20 -23.44
C GLU A 246 26.03 18.96 -24.05
N SER A 247 25.79 20.15 -23.52
CA SER A 247 24.63 20.98 -23.87
C SER A 247 24.43 21.36 -25.35
N SER A 248 25.50 21.38 -26.15
CA SER A 248 25.38 21.77 -27.56
C SER A 248 25.00 20.60 -28.48
N ILE A 249 25.06 19.39 -27.95
CA ILE A 249 24.77 18.21 -28.73
C ILE A 249 23.28 18.07 -28.99
N ASP A 250 22.94 17.61 -30.20
CA ASP A 250 21.58 17.23 -30.55
C ASP A 250 21.47 15.83 -29.93
N GLN A 251 20.84 15.75 -28.76
CA GLN A 251 20.82 14.49 -28.04
C GLN A 251 20.08 13.35 -28.72
N LEU A 252 18.96 13.60 -29.38
CA LEU A 252 18.28 12.51 -30.07
C LEU A 252 19.16 11.99 -31.15
N GLU A 253 19.87 12.87 -31.86
CA GLU A 253 20.77 12.37 -32.91
C GLU A 253 21.86 11.51 -32.32
N LEU A 254 22.36 11.91 -31.16
CA LEU A 254 23.39 11.14 -30.45
C LEU A 254 22.85 9.78 -30.03
N LEU A 255 21.59 9.68 -29.53
CA LEU A 255 21.02 8.34 -29.20
C LEU A 255 20.87 7.46 -30.42
N LYS A 256 20.43 8.05 -31.53
CA LYS A 256 20.20 7.32 -32.76
C LYS A 256 21.41 6.82 -33.49
N HIS A 257 22.53 7.52 -33.32
CA HIS A 257 23.77 7.24 -34.04
C HIS A 257 24.95 6.82 -33.15
N GLY A 258 24.97 7.24 -31.89
CA GLY A 258 26.16 7.10 -31.06
C GLY A 258 27.25 8.07 -31.49
N ASP A 259 28.46 7.90 -30.94
CA ASP A 259 29.56 8.77 -31.20
C ASP A 259 30.77 7.90 -31.40
N LYS A 260 31.21 7.81 -32.64
CA LYS A 260 32.36 7.00 -32.99
C LYS A 260 33.62 7.32 -32.21
N ASN A 261 33.74 8.57 -31.70
CA ASN A 261 34.89 9.00 -30.91
C ASN A 261 34.68 8.95 -29.40
N GLY A 262 33.51 8.47 -28.96
CA GLY A 262 33.16 8.39 -27.56
C GLY A 262 34.06 7.39 -26.86
N ARG A 263 34.41 7.66 -25.59
CA ARG A 263 35.30 6.79 -24.82
CA ARG A 263 35.30 6.76 -24.85
CA ARG A 263 35.29 6.78 -24.84
C ARG A 263 34.57 5.70 -24.04
N TYR A 264 33.24 5.81 -23.97
CA TYR A 264 32.39 4.86 -23.20
C TYR A 264 31.57 3.93 -24.09
N TRP A 265 31.40 2.70 -23.60
CA TRP A 265 30.68 1.68 -24.34
C TRP A 265 29.22 1.65 -23.86
N VAL A 266 28.34 2.31 -24.61
CA VAL A 266 26.91 2.44 -24.26
C VAL A 266 26.08 2.07 -25.50
N PRO A 267 26.01 0.76 -25.81
CA PRO A 267 25.47 0.36 -27.09
C PRO A 267 23.99 0.57 -27.29
N ALA A 268 23.62 0.59 -28.56
CA ALA A 268 22.26 0.89 -28.97
C ALA A 268 21.19 -0.18 -28.74
N MSE A 269 20.09 0.29 -28.23
CA MSE A 269 18.89 -0.51 -28.05
C MSE A 269 17.79 0.07 -28.93
O MSE A 269 17.63 1.27 -29.04
CB MSE A 269 18.41 -0.44 -26.60
CG MSE A 269 17.27 -1.23 -26.32
SE MSE A 269 15.56 -0.25 -26.29
CE MSE A 269 15.71 0.43 -24.51
N ALA A 270 17.08 -0.80 -29.66
CA ALA A 270 15.89 -0.42 -30.43
C ALA A 270 14.72 -1.11 -29.77
N ASP A 271 13.54 -0.48 -29.79
CA ASP A 271 12.38 -1.12 -29.21
C ASP A 271 11.09 -0.69 -29.91
N THR A 272 10.09 -1.55 -29.80
CA THR A 272 8.79 -1.25 -30.36
C THR A 272 7.77 -2.21 -29.80
N PRO A 273 6.56 -1.71 -29.58
CA PRO A 273 5.50 -2.66 -29.28
C PRO A 273 5.26 -3.51 -30.54
N LEU A 274 4.85 -4.77 -30.34
CA LEU A 274 4.38 -5.57 -31.48
C LEU A 274 3.08 -4.98 -32.03
N ARG A 275 2.23 -4.48 -31.13
CA ARG A 275 0.95 -3.94 -31.47
C ARG A 275 1.09 -2.45 -31.81
N GLY A 276 1.69 -2.23 -32.97
CA GLY A 276 2.00 -0.88 -33.45
C GLY A 276 1.44 -0.51 -34.81
N ALA A 277 0.54 -1.32 -35.37
CA ALA A 277 -0.05 -1.05 -36.65
C ALA A 277 -1.36 -0.26 -36.54
N ASN A 278 -1.77 0.26 -37.68
CA ASN A 278 -3.06 0.90 -37.88
C ASN A 278 -3.27 2.10 -36.98
N GLY A 279 -2.16 2.77 -36.65
CA GLY A 279 -2.25 3.99 -35.84
C GLY A 279 -2.17 3.78 -34.37
N ARG A 280 -2.00 2.53 -33.94
CA ARG A 280 -1.83 2.18 -32.54
C ARG A 280 -0.35 2.02 -32.19
N HIS A 281 -0.07 1.97 -30.90
CA HIS A 281 1.32 1.85 -30.40
C HIS A 281 1.18 1.41 -28.96
N GLU A 282 0.90 0.12 -28.77
CA GLU A 282 0.45 -0.36 -27.47
C GLU A 282 1.41 -1.30 -26.77
N TRP A 283 1.95 -0.86 -25.62
CA TRP A 283 2.84 -1.68 -24.83
C TRP A 283 2.05 -2.64 -23.96
N PHE A 284 0.80 -2.34 -23.69
CA PHE A 284 -0.12 -3.19 -22.90
C PHE A 284 -1.26 -3.78 -23.71
N TRP A 285 -1.76 -4.90 -23.22
CA TRP A 285 -2.96 -5.50 -23.77
C TRP A 285 -4.14 -4.59 -23.47
N GLU A 286 -4.95 -4.36 -24.49
CA GLU A 286 -6.14 -3.54 -24.45
C GLU A 286 -7.18 -4.23 -25.33
N PRO A 287 -8.46 -4.00 -25.09
CA PRO A 287 -9.43 -4.66 -25.95
C PRO A 287 -9.39 -4.23 -27.41
N ASP A 288 -9.77 -5.15 -28.29
CA ASP A 288 -9.90 -4.89 -29.73
C ASP A 288 -8.62 -4.45 -30.46
N ASP A 289 -7.48 -4.93 -30.01
CA ASP A 289 -6.22 -4.64 -30.66
C ASP A 289 -5.66 -5.90 -31.39
N GLU A 290 -6.46 -6.95 -31.54
CA GLU A 290 -5.97 -8.18 -32.16
C GLU A 290 -5.39 -7.95 -33.55
N ASN A 291 -5.98 -7.04 -34.29
CA ASN A 291 -5.58 -6.84 -35.66
C ASN A 291 -4.55 -5.72 -35.82
N ASN A 292 -4.01 -5.20 -34.71
CA ASN A 292 -3.08 -4.10 -34.72
C ASN A 292 -1.66 -4.54 -34.51
N ILE A 293 -1.45 -5.85 -34.57
CA ILE A 293 -0.09 -6.37 -34.59
C ILE A 293 0.60 -6.01 -35.90
N TYR A 294 1.89 -5.67 -35.86
CA TYR A 294 2.59 -5.34 -37.09
C TYR A 294 2.63 -6.50 -38.07
N PRO A 295 2.39 -6.22 -39.36
CA PRO A 295 2.63 -7.23 -40.37
C PRO A 295 4.06 -7.75 -40.38
N LEU A 296 4.22 -8.97 -40.85
CA LEU A 296 5.55 -9.57 -40.96
C LEU A 296 6.51 -8.72 -41.79
N ASN A 297 6.05 -8.13 -42.89
CA ASN A 297 6.93 -7.35 -43.75
C ASN A 297 7.47 -6.13 -43.00
N THR A 298 6.62 -5.48 -42.20
CA THR A 298 7.08 -4.37 -41.37
C THR A 298 8.08 -4.79 -40.30
N LEU A 299 7.82 -5.93 -39.65
CA LEU A 299 8.75 -6.45 -38.66
C LEU A 299 10.12 -6.77 -39.26
N MSE A 300 10.14 -7.28 -40.49
CA MSE A 300 11.39 -7.58 -41.16
C MSE A 300 12.16 -6.31 -41.50
O MSE A 300 13.37 -6.27 -41.37
CB MSE A 300 11.17 -8.44 -42.37
CG MSE A 300 10.66 -9.81 -42.02
SE MSE A 300 11.68 -10.80 -40.67
CE MSE A 300 13.46 -10.73 -41.56
N ASP A 301 11.44 -5.27 -41.94
CA ASP A 301 12.05 -3.95 -42.21
C ASP A 301 12.70 -3.48 -40.88
N LYS A 302 11.99 -3.61 -39.77
CA LYS A 302 12.53 -3.17 -38.49
C LYS A 302 13.74 -3.98 -38.08
N TYR A 303 13.67 -5.30 -38.22
CA TYR A 303 14.82 -6.17 -37.92
C TYR A 303 16.07 -5.71 -38.67
N GLU A 304 15.93 -5.46 -39.97
CA GLU A 304 17.10 -5.07 -40.78
C GLU A 304 17.64 -3.69 -40.38
N LYS A 305 16.78 -2.85 -39.81
CA LYS A 305 17.15 -1.50 -39.40
C LYS A 305 17.42 -1.39 -37.90
N SER A 306 17.59 -2.52 -37.22
CA SER A 306 17.93 -2.54 -35.80
C SER A 306 19.07 -3.51 -35.68
N VAL A 307 18.77 -4.82 -35.67
CA VAL A 307 19.79 -5.85 -35.62
C VAL A 307 20.80 -5.64 -36.76
N GLY A 308 20.33 -5.23 -37.93
CA GLY A 308 21.22 -4.96 -39.08
C GLY A 308 21.95 -3.62 -39.10
N ARG A 309 21.71 -2.84 -38.06
CA ARG A 309 22.33 -1.54 -37.81
C ARG A 309 22.98 -1.53 -36.39
N ASN A 310 23.45 -2.69 -35.93
CA ASN A 310 24.25 -2.76 -34.70
C ASN A 310 23.47 -2.34 -33.47
N ALA A 311 22.19 -2.68 -33.40
CA ALA A 311 21.38 -2.46 -32.24
C ALA A 311 20.62 -3.76 -31.89
N THR A 312 20.52 -4.09 -30.61
CA THR A 312 19.70 -5.16 -30.13
C THR A 312 18.27 -4.65 -30.04
N LEU A 313 17.33 -5.44 -30.56
CA LEU A 313 15.93 -5.08 -30.69
C LEU A 313 15.10 -5.72 -29.59
N ILE A 314 14.26 -4.90 -28.95
CA ILE A 314 13.35 -5.39 -27.94
C ILE A 314 11.90 -5.24 -28.40
N LEU A 315 11.18 -6.36 -28.46
CA LEU A 315 9.80 -6.33 -28.81
C LEU A 315 8.88 -6.26 -27.59
N GLY A 316 7.90 -5.37 -27.62
CA GLY A 316 6.92 -5.27 -26.53
C GLY A 316 5.73 -6.18 -26.76
N LEU A 317 5.65 -7.17 -25.89
CA LEU A 317 4.60 -8.16 -25.97
C LEU A 317 3.58 -7.96 -24.83
N THR A 318 2.36 -8.43 -25.10
CA THR A 318 1.20 -8.06 -24.22
C THR A 318 0.35 -9.24 -23.77
N PRO A 319 0.68 -9.79 -22.59
CA PRO A 319 -0.22 -10.88 -22.09
C PRO A 319 -1.60 -10.27 -21.82
N ASP A 320 -2.60 -11.09 -22.06
CA ASP A 320 -4.01 -10.69 -21.99
C ASP A 320 -4.63 -10.95 -20.62
N PRO A 321 -5.90 -10.61 -20.42
CA PRO A 321 -6.48 -10.80 -19.07
C PRO A 321 -6.70 -12.25 -18.65
N THR A 322 -6.50 -13.18 -19.55
CA THR A 322 -6.53 -14.58 -19.18
C THR A 322 -5.14 -15.07 -18.72
N GLY A 323 -4.10 -14.29 -19.00
CA GLY A 323 -2.73 -14.64 -18.64
C GLY A 323 -1.93 -15.30 -19.73
N LEU A 324 -2.31 -15.06 -20.98
CA LEU A 324 -1.62 -15.63 -22.12
C LEU A 324 -1.28 -14.58 -23.18
N ILE A 325 -0.23 -14.85 -23.97
CA ILE A 325 0.04 -14.06 -25.17
C ILE A 325 -1.05 -14.48 -26.19
N PRO A 326 -1.79 -13.51 -26.76
CA PRO A 326 -2.85 -13.87 -27.70
C PRO A 326 -2.38 -14.70 -28.89
N ALA A 327 -3.22 -15.60 -29.38
CA ALA A 327 -2.86 -16.50 -30.44
C ALA A 327 -2.29 -15.82 -31.67
N GLY A 328 -2.94 -14.73 -32.09
CA GLY A 328 -2.49 -14.01 -33.27
C GLY A 328 -1.09 -13.42 -33.14
N ASP A 329 -0.84 -12.86 -31.96
CA ASP A 329 0.47 -12.32 -31.63
C ASP A 329 1.52 -13.41 -31.71
N ALA A 330 1.24 -14.53 -31.06
CA ALA A 330 2.17 -15.68 -31.04
C ALA A 330 2.46 -16.19 -32.45
N GLN A 331 1.44 -16.24 -33.28
CA GLN A 331 1.63 -16.71 -34.65
C GLN A 331 2.53 -15.74 -35.40
N ARG A 332 2.29 -14.43 -35.25
CA ARG A 332 3.11 -13.42 -35.95
C ARG A 332 4.57 -13.49 -35.53
N LEU A 333 4.78 -13.68 -34.23
CA LEU A 333 6.11 -13.86 -33.69
C LEU A 333 6.80 -15.07 -34.31
N LYS A 334 6.09 -16.18 -34.43
CA LYS A 334 6.66 -17.37 -35.05
C LYS A 334 7.02 -17.06 -36.50
N GLU A 335 6.12 -16.38 -37.20
CA GLU A 335 6.37 -16.01 -38.59
C GLU A 335 7.67 -15.16 -38.70
N MSE A 336 7.89 -14.25 -37.77
CA MSE A 336 9.10 -13.38 -37.75
C MSE A 336 10.37 -14.22 -37.62
O MSE A 336 11.30 -14.08 -38.39
CB MSE A 336 9.00 -12.37 -36.65
CG MSE A 336 10.13 -11.39 -36.68
SE MSE A 336 10.02 -10.11 -35.28
CE MSE A 336 11.44 -8.96 -35.76
N GLY A 337 10.39 -15.11 -36.64
CA GLY A 337 11.53 -15.99 -36.43
C GLY A 337 11.76 -16.88 -37.63
N ASP A 338 10.68 -17.44 -38.19
CA ASP A 338 10.82 -18.30 -39.37
C ASP A 338 11.39 -17.55 -40.59
N GLU A 339 11.04 -16.26 -40.72
CA GLU A 339 11.45 -15.47 -41.85
C GLU A 339 12.89 -15.00 -41.66
N ILE A 340 13.29 -14.70 -40.43
CA ILE A 340 14.69 -14.37 -40.17
C ILE A 340 15.54 -15.57 -40.54
N ASN A 341 15.10 -16.77 -40.14
CA ASN A 341 15.84 -17.98 -40.51
C ASN A 341 15.84 -18.23 -42.00
N ARG A 342 14.69 -18.04 -42.63
CA ARG A 342 14.61 -18.25 -44.08
C ARG A 342 15.61 -17.35 -44.84
N ARG A 343 15.70 -16.10 -44.44
CA ARG A 343 16.57 -15.17 -45.15
C ARG A 343 18.04 -15.34 -44.83
N PHE A 344 18.36 -15.54 -43.56
CA PHE A 344 19.73 -15.41 -43.12
C PHE A 344 20.39 -16.61 -42.47
N SER A 345 19.75 -17.75 -42.35
CA SER A 345 20.41 -18.84 -41.63
C SER A 345 21.43 -19.60 -42.45
N SER A 346 21.23 -19.62 -43.77
CA SER A 346 22.10 -20.38 -44.65
CA SER A 346 22.09 -20.38 -44.67
C SER A 346 22.64 -19.52 -45.80
N PRO A 347 23.85 -18.97 -45.64
CA PRO A 347 24.41 -18.15 -46.72
C PRO A 347 24.90 -18.89 -47.93
N ILE A 348 25.07 -18.16 -49.03
CA ILE A 348 25.63 -18.74 -50.24
C ILE A 348 27.06 -19.12 -49.91
N ALA A 349 27.75 -18.23 -49.22
CA ALA A 349 29.12 -18.44 -48.81
C ALA A 349 29.41 -17.52 -47.64
N ARG A 350 30.45 -17.86 -46.89
CA ARG A 350 30.88 -17.08 -45.73
C ARG A 350 32.40 -17.14 -45.61
N ILE A 351 32.97 -16.10 -45.03
CA ILE A 351 34.41 -16.02 -44.80
C ILE A 351 34.64 -15.10 -43.59
N SER A 352 35.80 -15.23 -42.98
CA SER A 352 36.19 -14.42 -41.82
C SER A 352 37.69 -14.15 -41.89
N GLY A 353 38.15 -13.17 -41.11
CA GLY A 353 39.57 -12.89 -41.07
C GLY A 353 39.89 -11.57 -40.41
N GLN A 354 41.14 -11.44 -39.96
CA GLN A 354 41.64 -10.22 -39.37
C GLN A 354 42.37 -9.51 -40.50
N LYS A 355 41.58 -8.89 -41.37
CA LYS A 355 42.10 -8.29 -42.59
C LYS A 355 41.29 -7.09 -42.99
N LYS A 356 41.89 -6.22 -43.80
CA LYS A 356 41.22 -5.04 -44.34
C LYS A 356 40.47 -5.36 -45.64
N SER A 357 40.74 -6.52 -46.22
CA SER A 357 40.05 -6.95 -47.44
C SER A 357 39.74 -8.44 -47.34
N LEU A 358 38.52 -8.83 -47.69
CA LEU A 358 38.07 -10.22 -47.70
C LEU A 358 37.30 -10.46 -48.99
N THR A 359 37.70 -11.49 -49.73
CA THR A 359 37.05 -11.82 -50.98
C THR A 359 36.26 -13.12 -50.76
N LEU A 360 34.97 -13.06 -51.10
CA LEU A 360 34.08 -14.18 -50.97
CA LEU A 360 34.06 -14.19 -51.00
C LEU A 360 33.83 -14.79 -52.36
N LYS A 361 34.36 -15.97 -52.61
CA LYS A 361 34.13 -16.66 -53.87
C LYS A 361 32.77 -17.34 -53.70
N LEU A 362 31.93 -17.28 -54.74
CA LEU A 362 30.59 -17.85 -54.61
C LEU A 362 30.44 -19.29 -55.12
N GLY A 363 31.45 -19.82 -55.80
CA GLY A 363 31.42 -21.20 -56.30
C GLY A 363 30.93 -21.29 -57.73
N LYS A 364 29.95 -20.46 -58.08
CA LYS A 364 29.45 -20.38 -59.44
C LYS A 364 28.75 -19.05 -59.57
N GLU A 365 28.66 -18.55 -60.79
CA GLU A 365 27.95 -17.33 -61.05
C GLU A 365 26.52 -17.51 -60.60
N GLN A 366 26.04 -16.59 -59.76
CA GLN A 366 24.67 -16.65 -59.28
C GLN A 366 24.22 -15.32 -58.72
N SER A 367 22.94 -15.24 -58.43
CA SER A 367 22.33 -14.04 -57.91
CA SER A 367 22.32 -14.04 -57.89
C SER A 367 22.72 -13.77 -56.45
N VAL A 368 22.90 -12.49 -56.13
CA VAL A 368 23.22 -12.06 -54.76
CA VAL A 368 23.21 -12.07 -54.75
C VAL A 368 22.56 -10.72 -54.52
N ASN A 369 21.92 -10.53 -53.37
CA ASN A 369 21.31 -9.22 -53.04
C ASN A 369 21.44 -8.78 -51.60
N TYR A 370 22.11 -9.59 -50.78
CA TYR A 370 22.32 -9.25 -49.39
C TYR A 370 23.66 -9.75 -48.92
N CYS A 371 24.21 -9.01 -47.96
CA CYS A 371 25.45 -9.38 -47.30
CA CYS A 371 25.39 -9.50 -47.29
C CYS A 371 25.30 -9.10 -45.82
N ILE A 372 26.02 -9.86 -45.00
CA ILE A 372 26.07 -9.61 -43.57
C ILE A 372 27.54 -9.47 -43.26
N ILE A 373 27.88 -8.49 -42.41
CA ILE A 373 29.25 -8.29 -41.94
C ILE A 373 29.16 -8.19 -40.44
N GLN A 374 30.06 -8.86 -39.75
CA GLN A 374 30.12 -8.78 -38.28
C GLN A 374 31.55 -8.65 -37.81
N GLU A 375 31.78 -7.70 -36.90
CA GLU A 375 33.06 -7.56 -36.24
C GLU A 375 33.03 -8.40 -34.95
N ASN A 376 34.22 -8.77 -34.45
CA ASN A 376 34.36 -9.44 -33.16
C ASN A 376 34.20 -8.31 -32.11
N ILE A 377 32.96 -8.09 -31.68
CA ILE A 377 32.63 -6.95 -30.84
C ILE A 377 33.44 -6.79 -29.54
N LYS A 378 33.93 -7.89 -28.97
CA LYS A 378 34.78 -7.81 -27.79
C LYS A 378 36.04 -6.95 -28.02
N ASN A 379 36.49 -6.88 -29.27
CA ASN A 379 37.64 -6.08 -29.64
C ASN A 379 37.34 -4.68 -30.20
N GLY A 380 36.09 -4.26 -30.11
CA GLY A 380 35.68 -2.90 -30.48
C GLY A 380 35.16 -2.71 -31.89
N GLU A 381 34.78 -1.46 -32.18
CA GLU A 381 34.32 -1.04 -33.48
C GLU A 381 35.52 -0.44 -34.20
N ARG A 382 36.17 -1.28 -35.00
CA ARG A 382 37.39 -0.87 -35.69
C ARG A 382 37.15 -0.33 -37.08
N ILE A 383 36.15 -0.86 -37.76
CA ILE A 383 35.80 -0.47 -39.11
C ILE A 383 35.16 0.92 -39.08
N ARG A 384 35.68 1.83 -39.91
CA ARG A 384 35.14 3.18 -40.02
C ARG A 384 34.57 3.48 -41.38
N GLN A 385 35.09 2.85 -42.44
CA GLN A 385 34.56 3.04 -43.80
CA GLN A 385 34.57 3.03 -43.79
C GLN A 385 34.76 1.71 -44.52
N TYR A 386 33.73 1.24 -45.23
CA TYR A 386 33.87 0.01 -46.01
C TYR A 386 33.07 0.05 -47.30
N GLN A 387 33.44 -0.80 -48.24
CA GLN A 387 32.70 -0.94 -49.48
C GLN A 387 32.54 -2.41 -49.79
N ILE A 388 31.43 -2.77 -50.44
CA ILE A 388 31.27 -4.14 -50.90
C ILE A 388 31.14 -4.08 -52.42
N GLU A 389 31.93 -4.90 -53.09
CA GLU A 389 31.94 -5.01 -54.55
C GLU A 389 31.52 -6.41 -54.93
N ALA A 390 30.90 -6.52 -56.10
CA ALA A 390 30.49 -7.79 -56.67
C ALA A 390 31.21 -7.95 -57.99
N LYS A 391 31.71 -9.16 -58.25
CA LYS A 391 32.38 -9.45 -59.53
C LYS A 391 31.29 -9.93 -60.48
N VAL A 392 30.95 -9.06 -61.43
CA VAL A 392 29.86 -9.26 -62.37
C VAL A 392 30.40 -9.22 -63.80
N ASN A 393 30.26 -10.33 -64.51
CA ASN A 393 30.83 -10.48 -65.84
C ASN A 393 32.34 -10.24 -65.85
N GLY A 394 33.00 -10.74 -64.80
CA GLY A 394 34.44 -10.61 -64.64
C GLY A 394 34.96 -9.25 -64.21
N LYS A 395 34.07 -8.31 -63.90
CA LYS A 395 34.47 -6.98 -63.51
C LYS A 395 33.84 -6.62 -62.19
N TRP A 396 34.65 -6.06 -61.30
CA TRP A 396 34.18 -5.65 -59.99
C TRP A 396 33.35 -4.36 -60.11
N GLN A 397 32.21 -4.34 -59.44
CA GLN A 397 31.38 -3.15 -59.34
C GLN A 397 30.96 -3.03 -57.89
N THR A 398 30.84 -1.79 -57.42
CA THR A 398 30.44 -1.54 -56.05
C THR A 398 28.94 -1.69 -55.92
N VAL A 399 28.52 -2.45 -54.91
CA VAL A 399 27.10 -2.69 -54.63
C VAL A 399 26.64 -1.89 -53.40
N CYS A 400 27.55 -1.60 -52.46
CA CYS A 400 27.19 -0.74 -51.32
C CYS A 400 28.42 -0.19 -50.61
N LYS A 401 28.17 0.82 -49.80
CA LYS A 401 29.22 1.46 -49.03
C LYS A 401 28.63 1.82 -47.69
N GLY A 402 29.45 1.79 -46.65
CA GLY A 402 29.00 2.16 -45.31
C GLY A 402 30.11 2.59 -44.40
N GLU A 403 29.77 2.68 -43.13
CA GLU A 403 30.72 3.16 -42.12
C GLU A 403 30.84 2.18 -40.99
N SER A 404 29.88 2.22 -40.06
CA SER A 404 29.85 1.32 -38.92
C SER A 404 29.43 -0.11 -39.29
N VAL A 405 30.00 -1.05 -38.57
CA VAL A 405 29.60 -2.44 -38.68
C VAL A 405 29.24 -2.91 -37.27
N GLY A 406 30.21 -3.02 -36.37
CA GLY A 406 29.95 -3.44 -35.01
C GLY A 406 29.56 -4.90 -34.99
N HIS A 407 28.59 -5.25 -34.15
CA HIS A 407 28.19 -6.63 -33.97
C HIS A 407 27.58 -7.24 -35.23
N LYS A 408 26.74 -6.47 -35.92
CA LYS A 408 26.12 -6.95 -37.14
C LYS A 408 25.63 -5.83 -38.04
N ARG A 409 25.88 -6.01 -39.33
CA ARG A 409 25.47 -5.10 -40.37
C ARG A 409 24.79 -5.96 -41.39
N ILE A 410 23.56 -5.59 -41.76
CA ILE A 410 22.87 -6.26 -42.87
C ILE A 410 22.79 -5.25 -43.98
N GLU A 411 23.30 -5.62 -45.16
CA GLU A 411 23.25 -4.79 -46.35
C GLU A 411 22.38 -5.47 -47.39
N LYS A 412 21.50 -4.71 -48.02
CA LYS A 412 20.60 -5.20 -49.07
C LYS A 412 20.80 -4.29 -50.24
N PHE A 413 20.88 -4.87 -51.44
CA PHE A 413 21.11 -4.08 -52.64
C PHE A 413 20.41 -4.74 -53.80
N GLU A 414 20.33 -4.02 -54.91
CA GLU A 414 19.71 -4.52 -56.13
C GLU A 414 20.48 -5.78 -56.53
N PRO A 415 19.77 -6.87 -56.87
CA PRO A 415 20.46 -8.13 -57.14
C PRO A 415 21.39 -8.09 -58.32
N VAL A 416 22.49 -8.83 -58.22
CA VAL A 416 23.46 -8.92 -59.30
C VAL A 416 23.85 -10.38 -59.47
N GLU A 417 24.22 -10.75 -60.68
CA GLU A 417 24.70 -12.09 -60.99
C GLU A 417 26.19 -11.98 -60.83
N ALA A 418 26.70 -12.64 -59.79
CA ALA A 418 28.09 -12.47 -59.39
C ALA A 418 28.83 -13.78 -59.21
N THR A 419 30.14 -13.73 -59.35
CA THR A 419 30.98 -14.90 -59.06
C THR A 419 31.72 -14.71 -57.73
N ALA A 420 31.71 -13.51 -57.18
CA ALA A 420 32.42 -13.25 -55.96
C ALA A 420 32.00 -11.91 -55.40
N LEU A 421 32.15 -11.73 -54.10
CA LEU A 421 31.93 -10.46 -53.43
C LEU A 421 33.23 -10.07 -52.76
N ARG A 422 33.45 -8.78 -52.57
CA ARG A 422 34.67 -8.35 -51.91
C ARG A 422 34.37 -7.22 -50.96
N LEU A 423 34.81 -7.38 -49.73
CA LEU A 423 34.68 -6.37 -48.69
C LEU A 423 36.02 -5.69 -48.51
N THR A 424 36.04 -4.36 -48.67
CA THR A 424 37.24 -3.57 -48.47
C THR A 424 36.96 -2.58 -47.34
N VAL A 425 37.78 -2.61 -46.31
CA VAL A 425 37.69 -1.66 -45.20
C VAL A 425 38.74 -0.58 -45.53
N SER A 426 38.28 0.56 -46.05
CA SER A 426 39.18 1.65 -46.44
C SER A 426 39.67 2.54 -45.30
N GLU A 427 38.93 2.56 -44.19
CA GLU A 427 39.31 3.33 -43.02
C GLU A 427 39.03 2.46 -41.81
N SER A 428 39.98 2.40 -40.90
CA SER A 428 39.82 1.64 -39.66
C SER A 428 40.78 2.19 -38.61
N ILE A 429 40.40 2.08 -37.34
CA ILE A 429 41.22 2.56 -36.23
C ILE A 429 42.10 1.45 -35.67
N ALA A 430 41.91 0.22 -36.13
CA ALA A 430 42.75 -0.92 -35.76
C ALA A 430 42.47 -2.02 -36.78
N LEU A 431 43.33 -3.03 -36.85
CA LEU A 431 43.17 -4.12 -37.82
C LEU A 431 41.81 -4.78 -37.59
N PRO A 432 40.91 -4.72 -38.60
CA PRO A 432 39.60 -5.32 -38.40
C PRO A 432 39.63 -6.81 -38.04
N ASP A 433 38.70 -7.22 -37.20
CA ASP A 433 38.53 -8.58 -36.73
C ASP A 433 37.12 -8.98 -37.19
N ILE A 434 37.06 -9.44 -38.43
CA ILE A 434 35.80 -9.74 -39.08
C ILE A 434 35.47 -11.21 -38.81
N ILE A 435 34.41 -11.47 -38.03
CA ILE A 435 34.04 -12.83 -37.71
C ILE A 435 33.09 -13.40 -38.74
N ASN A 436 32.52 -12.54 -39.60
CA ASN A 436 31.57 -13.00 -40.60
C ASN A 436 31.43 -11.98 -41.73
N PHE A 437 31.64 -12.47 -42.95
CA PHE A 437 31.33 -11.74 -44.18
C PHE A 437 30.62 -12.81 -45.01
N SER A 438 29.32 -12.65 -45.19
CA SER A 438 28.47 -13.66 -45.84
CA SER A 438 28.52 -13.66 -45.87
C SER A 438 27.56 -13.07 -46.91
N ALA A 439 27.25 -13.86 -47.91
CA ALA A 439 26.38 -13.45 -49.02
C ALA A 439 25.10 -14.28 -49.04
N TYR A 440 24.02 -13.64 -49.45
CA TYR A 440 22.70 -14.25 -49.54
C TYR A 440 21.94 -13.83 -50.77
N SER A 441 21.02 -14.70 -51.19
CA SER A 441 20.09 -14.38 -52.26
C SER A 441 18.72 -14.53 -51.64
N VAL A 442 17.98 -13.44 -51.54
CA VAL A 442 16.66 -13.46 -50.92
C VAL A 442 15.62 -12.86 -51.84
N LYS A 443 14.57 -13.62 -52.11
CA LYS A 443 13.46 -13.15 -52.93
C LYS A 443 12.38 -12.69 -51.98
N GLU B 6 -43.19 16.34 24.87
CA GLU B 6 -42.75 14.93 24.99
C GLU B 6 -41.27 14.87 25.36
N LEU B 7 -40.97 14.18 26.46
CA LEU B 7 -39.62 14.02 26.92
C LEU B 7 -38.71 13.34 25.93
N PRO B 8 -37.51 13.87 25.76
CA PRO B 8 -36.54 13.11 25.01
C PRO B 8 -36.22 11.80 25.73
N VAL B 9 -35.97 10.75 24.95
CA VAL B 9 -35.64 9.44 25.50
C VAL B 9 -34.61 8.80 24.59
N PRO B 10 -33.91 7.78 25.09
CA PRO B 10 -33.00 7.11 24.22
C PRO B 10 -33.67 6.33 23.10
N LYS B 11 -32.96 6.14 22.00
CA LYS B 11 -33.40 5.26 20.96
C LYS B 11 -33.22 3.84 21.49
N PRO B 12 -33.98 2.87 20.96
CA PRO B 12 -33.81 1.51 21.46
C PRO B 12 -32.37 1.02 21.48
N HIS B 13 -31.60 1.35 20.44
CA HIS B 13 -30.21 0.86 20.38
C HIS B 13 -29.21 1.63 21.31
N GLN B 14 -29.69 2.73 21.90
CA GLN B 14 -28.88 3.49 22.86
C GLN B 14 -29.01 2.94 24.27
N LEU B 15 -29.98 2.05 24.52
CA LEU B 15 -30.15 1.52 25.87
C LEU B 15 -28.92 0.76 26.30
N LYS B 16 -28.30 0.04 25.37
CA LYS B 16 -27.11 -0.77 25.67
CA LYS B 16 -27.12 -0.77 25.68
C LYS B 16 -25.91 0.08 26.03
N TRP B 17 -25.94 1.36 25.62
CA TRP B 17 -24.90 2.32 25.97
C TRP B 17 -24.93 2.58 27.49
N HIS B 18 -26.07 3.03 27.97
CA HIS B 18 -26.27 3.26 29.39
C HIS B 18 -26.07 2.02 30.24
N GLU B 19 -26.68 0.92 29.82
CA GLU B 19 -26.68 -0.32 30.60
C GLU B 19 -25.28 -0.93 30.76
N ALA B 20 -24.44 -0.78 29.76
CA ALA B 20 -23.10 -1.34 29.81
C ALA B 20 -22.32 -0.80 30.98
N GLU B 21 -22.41 0.51 31.18
CA GLU B 21 -21.69 1.27 32.22
C GLU B 21 -20.18 1.38 32.02
N MSE B 22 -19.52 0.29 31.60
CA MSE B 22 -18.08 0.29 31.39
CA MSE B 22 -18.07 0.29 31.38
C MSE B 22 -17.71 -0.54 30.14
O MSE B 22 -18.39 -1.52 29.83
CB MSE B 22 -17.36 -0.39 32.56
CB MSE B 22 -17.33 -0.36 32.56
CG MSE B 22 -17.79 0.01 33.93
CG MSE B 22 -17.11 0.51 33.75
SE MSE B 22 -16.52 -0.86 35.13
SE MSE B 22 -16.23 -0.59 35.13
CE MSE B 22 -15.07 0.33 34.49
CE MSE B 22 -14.57 -0.92 34.18
N GLY B 23 -16.65 -0.13 29.45
CA GLY B 23 -16.13 -0.88 28.30
C GLY B 23 -14.67 -0.59 28.19
N ALA B 24 -14.03 -1.22 27.22
CA ALA B 24 -12.60 -1.08 26.99
C ALA B 24 -12.34 -0.82 25.53
N VAL B 25 -11.31 -0.05 25.26
CA VAL B 25 -10.82 0.12 23.93
C VAL B 25 -9.35 -0.35 23.94
N PHE B 26 -9.01 -1.16 22.94
CA PHE B 26 -7.67 -1.68 22.73
C PHE B 26 -7.03 -1.06 21.53
N HIS B 27 -5.98 -0.28 21.77
CA HIS B 27 -5.22 0.40 20.70
C HIS B 27 -4.05 -0.45 20.30
N TYR B 28 -3.88 -0.68 18.99
CA TYR B 28 -2.78 -1.52 18.52
C TYR B 28 -2.47 -1.06 17.11
N ASP B 29 -1.21 -0.79 16.83
CA ASP B 29 -0.76 -0.36 15.49
C ASP B 29 0.74 -0.71 15.45
N LEU B 30 1.34 -0.51 14.27
CA LEU B 30 2.71 -0.99 14.06
C LEU B 30 3.77 -0.43 14.97
N HIS B 31 3.65 0.83 15.41
CA HIS B 31 4.64 1.44 16.25
C HIS B 31 4.75 0.80 17.63
N VAL B 32 3.75 0.04 18.04
CA VAL B 32 3.84 -0.68 19.30
C VAL B 32 5.06 -1.62 19.31
N PHE B 33 5.47 -2.07 18.13
CA PHE B 33 6.51 -3.07 17.97
C PHE B 33 7.90 -2.48 17.73
N ASP B 34 8.05 -1.14 17.76
CA ASP B 34 9.32 -0.51 17.42
C ASP B 34 10.36 -0.35 18.54
N GLY B 35 10.04 -0.78 19.75
CA GLY B 35 10.97 -0.71 20.90
C GLY B 35 11.17 0.65 21.55
N ILE B 36 10.41 1.66 21.10
CA ILE B 36 10.56 3.01 21.63
C ILE B 36 9.24 3.67 21.93
N ARG B 37 9.28 4.82 22.60
CA ARG B 37 8.05 5.52 22.99
C ARG B 37 7.24 6.12 21.80
N TYR B 38 5.92 6.21 21.98
CA TYR B 38 4.97 6.68 20.94
C TYR B 38 5.15 8.17 20.70
N GLY B 39 5.30 8.56 19.43
CA GLY B 39 5.46 9.96 19.05
C GLY B 39 4.39 10.15 18.01
N GLN B 40 3.24 10.66 18.45
CA GLN B 40 2.09 10.83 17.54
C GLN B 40 2.42 11.63 16.29
N GLY B 41 2.99 12.82 16.49
CA GLY B 41 3.37 13.72 15.40
C GLY B 41 4.25 13.05 14.35
N ASN B 42 5.23 12.27 14.82
CA ASN B 42 6.14 11.56 13.94
C ASN B 42 5.54 10.28 13.32
N ASN B 43 4.65 9.64 14.06
CA ASN B 43 4.05 8.40 13.59
C ASN B 43 3.09 8.75 12.48
N ARG B 44 2.45 9.91 12.55
N ARG B 44 2.46 9.86 12.78
CA ARG B 44 1.36 10.23 11.57
CA ARG B 44 1.75 10.51 11.79
C ARG B 44 1.68 10.47 10.10
C ARG B 44 2.98 10.97 11.08
N ILE B 45 2.83 11.08 9.84
CA ILE B 45 3.60 11.58 8.85
C ILE B 45 4.54 10.57 8.33
N ASN B 46 5.46 9.98 9.12
CA ASN B 46 6.52 9.11 8.59
CA ASN B 46 6.47 9.13 8.49
C ASN B 46 6.12 7.65 8.45
N PRO B 47 6.15 7.08 7.23
CA PRO B 47 5.76 5.67 7.16
C PRO B 47 6.67 4.71 7.93
N ILE B 48 6.09 3.59 8.30
CA ILE B 48 6.80 2.53 9.01
C ILE B 48 7.84 1.99 8.05
N GLU B 49 9.09 1.89 8.49
CA GLU B 49 10.14 1.43 7.62
C GLU B 49 10.04 -0.09 7.34
N ASP B 50 9.70 -0.90 8.34
CA ASP B 50 9.58 -2.35 8.12
C ASP B 50 8.39 -2.85 8.89
N TYR B 51 7.32 -3.15 8.16
CA TYR B 51 6.09 -3.58 8.82
C TYR B 51 6.16 -5.00 9.38
N ASN B 52 7.20 -5.75 9.04
CA ASN B 52 7.38 -7.07 9.63
C ASN B 52 7.85 -7.05 11.05
N ILE B 53 8.04 -5.85 11.62
CA ILE B 53 8.18 -5.79 13.09
C ILE B 53 6.87 -6.30 13.77
N PHE B 54 5.76 -6.34 13.03
CA PHE B 54 4.49 -6.87 13.54
C PHE B 54 4.64 -8.39 13.67
N ASN B 55 4.97 -8.86 14.88
CA ASN B 55 5.13 -10.31 15.10
C ASN B 55 4.78 -10.69 16.54
N PRO B 56 3.49 -10.51 16.91
CA PRO B 56 3.08 -10.87 18.29
C PRO B 56 2.95 -12.38 18.40
N THR B 57 4.02 -13.03 18.82
CA THR B 57 4.04 -14.50 18.84
C THR B 57 3.12 -15.15 19.84
N GLU B 58 2.72 -14.40 20.86
CA GLU B 58 1.88 -14.91 21.96
C GLU B 58 0.48 -14.40 21.88
N LEU B 59 0.10 -13.84 20.75
CA LEU B 59 -1.20 -13.18 20.63
C LEU B 59 -2.38 -14.06 21.01
N ASN B 60 -3.26 -13.54 21.87
CA ASN B 60 -4.45 -14.25 22.28
C ASN B 60 -5.50 -13.25 22.66
N THR B 61 -6.40 -12.95 21.72
CA THR B 61 -7.43 -11.98 22.05
C THR B 61 -8.41 -12.44 23.14
N ASP B 62 -8.51 -13.74 23.42
CA ASP B 62 -9.33 -14.21 24.54
C ASP B 62 -8.82 -13.61 25.84
N GLN B 63 -7.48 -13.55 25.95
CA GLN B 63 -6.85 -12.97 27.13
C GLN B 63 -7.14 -11.48 27.27
N TRP B 64 -7.22 -10.77 26.17
CA TRP B 64 -7.51 -9.34 26.21
C TRP B 64 -8.93 -9.15 26.79
N VAL B 65 -9.87 -9.92 26.22
CA VAL B 65 -11.28 -9.81 26.59
C VAL B 65 -11.49 -10.26 28.03
N GLN B 66 -10.87 -11.36 28.41
CA GLN B 66 -10.96 -11.84 29.79
C GLN B 66 -10.46 -10.76 30.76
N ALA B 67 -9.37 -10.09 30.39
CA ALA B 67 -8.78 -9.10 31.26
C ALA B 67 -9.74 -7.92 31.45
N ALA B 68 -10.36 -7.49 30.36
CA ALA B 68 -11.29 -6.39 30.41
C ALA B 68 -12.58 -6.80 31.19
N LYS B 69 -13.04 -8.02 30.97
CA LYS B 69 -14.26 -8.52 31.63
C LYS B 69 -14.10 -8.48 33.15
N ALA B 70 -12.91 -8.84 33.62
CA ALA B 70 -12.61 -8.82 35.04
C ALA B 70 -12.72 -7.47 35.74
N ALA B 71 -12.63 -6.38 34.98
CA ALA B 71 -12.77 -5.02 35.49
C ALA B 71 -14.22 -4.61 35.58
N GLY B 72 -15.11 -5.31 34.89
CA GLY B 72 -16.54 -4.95 34.79
C GLY B 72 -16.92 -4.46 33.41
N CYS B 73 -16.03 -4.58 32.42
CA CYS B 73 -16.33 -4.14 31.07
C CYS B 73 -17.35 -5.02 30.44
N LYS B 74 -18.31 -4.40 29.74
CA LYS B 74 -19.40 -5.13 29.08
C LYS B 74 -19.33 -5.03 27.56
N PHE B 75 -18.45 -4.17 27.07
CA PHE B 75 -18.16 -4.06 25.64
C PHE B 75 -16.65 -3.87 25.49
N ALA B 76 -16.16 -4.18 24.30
CA ALA B 76 -14.75 -4.03 23.98
C ALA B 76 -14.63 -3.62 22.53
N VAL B 77 -13.72 -2.68 22.30
CA VAL B 77 -13.53 -2.05 20.99
C VAL B 77 -12.06 -2.20 20.59
N LEU B 78 -11.80 -2.59 19.32
CA LEU B 78 -10.44 -2.71 18.79
C LEU B 78 -10.19 -1.69 17.72
N THR B 79 -8.99 -1.10 17.71
CA THR B 79 -8.58 -0.21 16.61
C THR B 79 -8.21 -1.11 15.38
N ALA B 80 -9.11 -1.20 14.41
CA ALA B 80 -8.86 -1.91 13.18
C ALA B 80 -7.75 -1.22 12.39
N THR B 81 -7.76 0.11 12.39
CA THR B 81 -6.70 0.96 11.90
C THR B 81 -6.53 2.09 12.90
N HIS B 82 -5.41 2.80 12.84
CA HIS B 82 -5.21 3.98 13.69
C HIS B 82 -4.58 5.13 12.92
N GLU B 83 -3.27 5.14 12.68
CA GLU B 83 -2.58 6.21 11.97
C GLU B 83 -1.59 5.73 10.92
N THR B 84 -1.03 4.52 11.04
CA THR B 84 -0.06 4.12 10.00
C THR B 84 -0.74 3.76 8.67
N GLY B 85 -2.03 3.43 8.74
CA GLY B 85 -2.80 2.90 7.60
C GLY B 85 -2.88 1.38 7.65
N PHE B 86 -2.14 0.73 8.54
CA PHE B 86 -2.15 -0.73 8.63
C PHE B 86 -3.47 -1.21 9.21
N GLY B 87 -4.04 -2.22 8.58
CA GLY B 87 -5.31 -2.82 8.99
C GLY B 87 -5.19 -4.20 9.61
N LEU B 88 -5.81 -4.38 10.79
CA LEU B 88 -5.74 -5.64 11.51
C LEU B 88 -6.76 -6.68 11.09
N TRP B 89 -7.07 -6.77 9.79
CA TRP B 89 -7.97 -7.75 9.26
C TRP B 89 -7.54 -8.12 7.84
N GLN B 90 -8.25 -9.11 7.31
CA GLN B 90 -8.08 -9.55 5.93
C GLN B 90 -8.92 -8.69 5.00
N SER B 91 -8.33 -7.58 4.60
CA SER B 91 -9.00 -6.64 3.71
C SER B 91 -8.73 -7.00 2.26
N ASP B 92 -9.73 -6.68 1.45
CA ASP B 92 -9.65 -6.82 -0.02
C ASP B 92 -9.56 -5.45 -0.72
N VAL B 93 -9.43 -4.38 0.08
CA VAL B 93 -9.33 -3.02 -0.42
C VAL B 93 -8.11 -2.27 0.12
N ASN B 94 -7.74 -2.55 1.36
CA ASN B 94 -6.54 -2.01 1.94
C ASN B 94 -5.47 -3.08 1.92
N PRO B 95 -4.45 -2.92 1.03
CA PRO B 95 -3.46 -3.98 0.89
C PRO B 95 -2.47 -4.01 2.05
N TYR B 96 -2.41 -2.91 2.78
CA TYR B 96 -1.53 -2.75 3.95
C TYR B 96 -2.30 -3.27 5.13
N CYS B 97 -2.36 -4.59 5.22
CA CYS B 97 -3.17 -5.28 6.23
C CYS B 97 -2.45 -6.57 6.53
N LEU B 98 -3.12 -7.46 7.25
CA LEU B 98 -2.46 -8.70 7.72
C LEU B 98 -2.11 -9.65 6.58
N LYS B 99 -2.63 -9.37 5.37
CA LYS B 99 -2.20 -10.16 4.19
C LYS B 99 -0.73 -9.88 3.82
N ALA B 100 -0.18 -8.74 4.25
CA ALA B 100 1.13 -8.31 3.82
C ALA B 100 2.28 -8.84 4.62
N VAL B 101 2.00 -9.36 5.82
CA VAL B 101 3.00 -9.78 6.76
C VAL B 101 3.29 -11.25 6.80
N LYS B 102 4.46 -11.56 7.33
CA LYS B 102 4.88 -12.95 7.49
CA LYS B 102 4.89 -12.95 7.51
C LYS B 102 4.13 -13.63 8.64
N TRP B 103 3.77 -12.86 9.67
CA TRP B 103 3.05 -13.34 10.81
C TRP B 103 1.78 -14.06 10.36
N ARG B 104 1.56 -15.27 10.89
CA ARG B 104 0.44 -16.11 10.52
C ARG B 104 0.34 -16.38 9.02
N ASP B 105 1.49 -16.33 8.34
CA ASP B 105 1.59 -16.62 6.92
C ASP B 105 0.67 -15.75 6.06
N GLY B 106 0.39 -14.52 6.50
CA GLY B 106 -0.47 -13.60 5.74
C GLY B 106 -1.95 -13.90 5.82
N LYS B 107 -2.34 -14.81 6.72
CA LYS B 107 -3.73 -15.30 6.83
C LYS B 107 -4.40 -14.86 8.15
N GLY B 108 -3.71 -14.09 8.98
CA GLY B 108 -4.27 -13.65 10.25
C GLY B 108 -5.37 -12.63 10.10
N ASP B 109 -6.32 -12.66 11.06
CA ASP B 109 -7.36 -11.63 11.07
C ASP B 109 -7.66 -11.35 12.55
N ILE B 110 -7.05 -10.29 13.06
CA ILE B 110 -7.18 -9.98 14.48
C ILE B 110 -8.60 -9.44 14.77
N VAL B 111 -9.17 -8.69 13.85
CA VAL B 111 -10.58 -8.28 14.05
C VAL B 111 -11.47 -9.50 14.22
N ARG B 112 -11.28 -10.53 13.40
CA ARG B 112 -12.06 -11.74 13.56
C ARG B 112 -11.81 -12.42 14.91
N ASP B 113 -10.55 -12.61 15.28
CA ASP B 113 -10.23 -13.21 16.57
C ASP B 113 -10.96 -12.42 17.67
N PHE B 114 -10.83 -11.11 17.58
CA PHE B 114 -11.35 -10.18 18.60
C PHE B 114 -12.87 -10.27 18.75
N VAL B 115 -13.62 -10.16 17.64
CA VAL B 115 -15.06 -10.24 17.79
C VAL B 115 -15.49 -11.63 18.30
N ASN B 116 -14.83 -12.70 17.84
CA ASN B 116 -15.10 -14.03 18.38
C ASN B 116 -14.86 -14.11 19.89
N SER B 117 -13.75 -13.54 20.33
CA SER B 117 -13.44 -13.51 21.74
C SER B 117 -14.48 -12.76 22.54
N CYS B 118 -14.88 -11.60 22.04
CA CYS B 118 -15.87 -10.82 22.76
C CYS B 118 -17.13 -11.65 22.96
N ARG B 119 -17.59 -12.29 21.89
CA ARG B 119 -18.82 -13.07 21.97
C ARG B 119 -18.71 -14.29 22.88
N LYS B 120 -17.51 -14.89 22.90
CA LYS B 120 -17.23 -16.03 23.78
C LYS B 120 -17.38 -15.66 25.23
N TYR B 121 -16.93 -14.48 25.62
CA TYR B 121 -16.98 -14.01 27.01
C TYR B 121 -18.17 -13.13 27.36
N GLY B 122 -19.08 -12.94 26.42
CA GLY B 122 -20.26 -12.15 26.69
C GLY B 122 -20.06 -10.66 26.68
N LEU B 123 -19.02 -10.17 26.02
CA LEU B 123 -18.83 -8.75 25.81
C LEU B 123 -19.28 -8.37 24.40
N GLN B 124 -19.87 -7.21 24.26
CA GLN B 124 -20.32 -6.76 22.95
C GLN B 124 -19.16 -6.11 22.18
N PRO B 125 -18.86 -6.62 20.96
CA PRO B 125 -17.75 -6.10 20.24
C PRO B 125 -18.00 -4.83 19.44
N GLY B 126 -17.07 -3.89 19.46
CA GLY B 126 -17.13 -2.71 18.63
C GLY B 126 -15.80 -2.52 17.90
N ILE B 127 -15.79 -1.58 16.96
CA ILE B 127 -14.61 -1.34 16.16
C ILE B 127 -14.31 0.15 16.05
N TYR B 128 -13.02 0.49 16.23
CA TYR B 128 -12.52 1.83 16.06
C TYR B 128 -11.78 1.87 14.71
N ILE B 129 -12.10 2.86 13.91
CA ILE B 129 -11.57 3.05 12.58
C ILE B 129 -10.87 4.40 12.54
N GLY B 130 -9.54 4.35 12.46
CA GLY B 130 -8.70 5.54 12.40
C GLY B 130 -8.43 5.82 10.98
N ILE B 131 -8.98 6.91 10.48
CA ILE B 131 -8.85 7.27 9.05
C ILE B 131 -8.43 8.68 8.74
N ARG B 132 -8.35 9.58 9.72
CA ARG B 132 -7.84 10.94 9.43
C ARG B 132 -6.40 10.97 8.92
N TRP B 133 -5.61 10.04 9.45
CA TRP B 133 -4.20 9.96 9.14
C TRP B 133 -3.88 8.57 8.62
N ASN B 134 -3.10 8.53 7.56
CA ASN B 134 -2.57 7.29 6.98
C ASN B 134 -1.15 7.58 6.47
N SER B 135 -0.15 7.13 7.22
CA SER B 135 1.20 7.53 6.90
C SER B 135 1.69 6.85 5.64
N LEU B 136 1.27 5.61 5.40
CA LEU B 136 1.71 4.95 4.16
C LEU B 136 1.33 5.78 2.94
N LEU B 137 0.11 6.26 2.97
CA LEU B 137 -0.47 7.00 1.85
C LEU B 137 -0.32 8.51 1.91
N GLY B 138 0.31 9.02 2.96
CA GLY B 138 0.53 10.43 3.09
C GLY B 138 -0.72 11.27 3.32
N ILE B 139 -1.69 10.71 4.01
CA ILE B 139 -2.97 11.41 4.25
C ILE B 139 -2.93 12.14 5.61
N HIS B 140 -3.32 13.41 5.59
CA HIS B 140 -3.25 14.25 6.78
C HIS B 140 -4.63 14.87 6.96
N ASN B 141 -5.36 14.41 7.98
CA ASN B 141 -6.73 14.89 8.21
CA ASN B 141 -6.71 14.86 8.24
C ASN B 141 -7.60 14.80 6.95
N PHE B 142 -7.56 13.61 6.35
CA PHE B 142 -8.24 13.21 5.11
C PHE B 142 -7.66 13.78 3.84
N LYS B 143 -6.73 14.73 3.95
CA LYS B 143 -6.19 15.39 2.80
C LYS B 143 -4.94 14.74 2.22
N ALA B 144 -4.88 14.73 0.90
CA ALA B 144 -3.68 14.33 0.17
C ALA B 144 -2.89 15.58 -0.19
N GLU B 145 -1.57 15.44 -0.21
CA GLU B 145 -0.70 16.56 -0.48
C GLU B 145 -0.36 16.66 -1.96
N GLY B 146 -0.06 17.87 -2.40
CA GLY B 146 0.25 18.12 -3.81
C GLY B 146 -0.64 19.23 -4.32
N GLU B 147 -0.21 19.85 -5.39
CA GLU B 147 -0.85 21.04 -5.89
C GLU B 147 -1.93 20.85 -6.95
N GLY B 148 -2.13 19.63 -7.39
CA GLY B 148 -2.92 19.42 -8.61
C GLY B 148 -3.86 18.24 -8.66
N ALA B 149 -4.14 17.84 -9.91
CA ALA B 149 -5.11 16.80 -10.14
C ALA B 149 -4.76 15.52 -9.46
N PHE B 150 -3.47 15.20 -9.44
CA PHE B 150 -3.05 13.96 -8.81
C PHE B 150 -3.43 13.90 -7.35
N ALA B 151 -3.14 14.97 -6.61
CA ALA B 151 -3.48 15.05 -5.20
C ALA B 151 -5.04 14.99 -5.03
N ARG B 152 -5.77 15.72 -5.85
CA ARG B 152 -7.25 15.66 -5.75
C ARG B 152 -7.76 14.23 -6.01
N ASN B 153 -7.18 13.56 -7.00
CA ASN B 153 -7.57 12.21 -7.29
C ASN B 153 -7.32 11.27 -6.12
N ARG B 154 -6.11 11.33 -5.58
CA ARG B 154 -5.73 10.50 -4.46
CA ARG B 154 -5.75 10.49 -4.46
C ARG B 154 -6.63 10.76 -3.23
N GLN B 155 -6.96 12.02 -3.00
CA GLN B 155 -7.82 12.38 -1.89
C GLN B 155 -9.24 11.78 -2.04
N ALA B 156 -9.79 11.86 -3.25
CA ALA B 156 -11.11 11.26 -3.52
C ALA B 156 -11.06 9.76 -3.46
N TRP B 157 -9.97 9.16 -3.97
CA TRP B 157 -9.78 7.74 -3.91
C TRP B 157 -9.69 7.29 -2.44
N TYR B 158 -9.00 8.07 -1.61
CA TYR B 158 -8.85 7.71 -0.20
C TYR B 158 -10.22 7.73 0.50
N LYS B 159 -11.03 8.72 0.19
CA LYS B 159 -12.39 8.78 0.76
C LYS B 159 -13.15 7.47 0.43
N ARG B 160 -13.08 7.02 -0.82
CA ARG B 160 -13.65 5.73 -1.21
C ARG B 160 -13.04 4.53 -0.51
N LEU B 161 -11.72 4.56 -0.29
CA LEU B 161 -11.06 3.50 0.44
C LEU B 161 -11.67 3.41 1.84
N CYS B 162 -11.86 4.58 2.47
CA CYS B 162 -12.43 4.62 3.83
C CYS B 162 -13.83 4.01 3.81
N GLU B 163 -14.64 4.42 2.84
CA GLU B 163 -15.97 3.89 2.71
C GLU B 163 -15.97 2.37 2.51
N LYS B 164 -15.05 1.89 1.68
CA LYS B 164 -14.93 0.44 1.45
C LYS B 164 -14.46 -0.34 2.65
N MSE B 165 -13.49 0.21 3.42
CA MSE B 165 -13.03 -0.46 4.64
C MSE B 165 -14.17 -0.53 5.67
O MSE B 165 -14.35 -1.55 6.31
CB MSE B 165 -11.82 0.24 5.23
CG MSE B 165 -10.53 0.17 4.41
SE MSE B 165 -8.95 0.89 5.24
CE MSE B 165 -9.52 2.71 5.45
N VAL B 166 -14.92 0.56 5.78
CA VAL B 166 -16.04 0.61 6.71
C VAL B 166 -17.04 -0.45 6.30
N THR B 167 -17.26 -0.56 4.99
CA THR B 167 -18.19 -1.58 4.47
C THR B 167 -17.74 -3.00 4.87
N GLU B 168 -16.45 -3.31 4.71
CA GLU B 168 -15.92 -4.63 5.08
C GLU B 168 -16.16 -4.88 6.58
N LEU B 169 -15.81 -3.89 7.38
CA LEU B 169 -15.91 -4.07 8.83
C LEU B 169 -17.34 -4.20 9.35
N CYS B 170 -18.27 -3.58 8.66
CA CYS B 170 -19.67 -3.61 9.01
C CYS B 170 -20.43 -4.79 8.42
N THR B 171 -19.82 -5.56 7.52
CA THR B 171 -20.52 -6.67 6.90
C THR B 171 -19.91 -8.06 7.15
N ARG B 172 -18.68 -8.16 7.65
CA ARG B 172 -18.03 -9.46 7.74
C ARG B 172 -17.79 -9.96 9.15
N TYR B 173 -18.12 -9.16 10.16
CA TYR B 173 -17.77 -9.50 11.53
C TYR B 173 -18.95 -9.48 12.49
N GLY B 174 -20.15 -9.67 11.96
CA GLY B 174 -21.34 -9.73 12.80
C GLY B 174 -21.82 -8.37 13.28
N ASP B 175 -22.73 -8.41 14.25
CA ASP B 175 -23.35 -7.20 14.78
C ASP B 175 -22.41 -6.55 15.75
N LEU B 176 -22.26 -5.24 15.59
CA LEU B 176 -21.34 -4.48 16.38
C LEU B 176 -22.01 -3.53 17.37
N TYR B 177 -21.30 -3.33 18.49
CA TYR B 177 -21.74 -2.46 19.57
C TYR B 177 -21.64 -1.00 19.18
N MSE B 178 -20.48 -0.65 18.66
CA MSE B 178 -20.24 0.68 18.18
C MSE B 178 -19.23 0.69 17.04
O MSE B 178 -18.47 -0.30 16.86
CB MSE B 178 -19.66 1.59 19.31
CG MSE B 178 -18.15 1.34 19.64
SE MSE B 178 -17.40 2.79 20.69
CE MSE B 178 -18.43 2.45 22.30
N ILE B 179 -19.27 1.79 16.28
CA ILE B 179 -18.24 2.12 15.29
CA ILE B 179 -18.23 2.09 15.31
C ILE B 179 -17.72 3.48 15.73
N TRP B 180 -16.43 3.57 16.02
CA TRP B 180 -15.80 4.77 16.53
C TRP B 180 -14.81 5.30 15.48
N PHE B 181 -15.09 6.48 14.94
CA PHE B 181 -14.23 7.16 13.97
C PHE B 181 -13.36 8.14 14.71
N ASP B 182 -12.06 8.10 14.45
CA ASP B 182 -11.12 8.99 15.12
C ASP B 182 -11.41 10.46 14.96
N GLY B 183 -11.72 11.15 16.08
CA GLY B 183 -12.07 12.57 16.03
C GLY B 183 -13.35 12.86 15.27
N GLY B 184 -14.13 11.81 15.08
CA GLY B 184 -15.30 11.85 14.22
C GLY B 184 -14.92 11.85 12.75
N ALA B 185 -15.88 11.55 11.89
CA ALA B 185 -15.62 11.43 10.42
C ALA B 185 -15.98 12.69 9.65
N ASP B 186 -16.04 13.83 10.36
CA ASP B 186 -16.14 15.15 9.75
C ASP B 186 -17.44 15.31 8.96
N ASP B 187 -17.39 15.93 7.78
CA ASP B 187 -18.58 16.32 7.03
C ASP B 187 -18.55 15.59 5.70
N PRO B 188 -19.55 14.73 5.46
CA PRO B 188 -19.52 14.01 4.18
C PRO B 188 -19.77 14.95 2.97
N ARG B 189 -20.15 16.20 3.18
CA ARG B 189 -20.32 17.12 2.08
C ARG B 189 -19.00 17.85 1.76
N ALA B 190 -17.94 17.59 2.54
CA ALA B 190 -16.66 18.23 2.37
C ALA B 190 -15.58 17.15 2.41
N ASP B 191 -14.69 17.14 3.42
CA ASP B 191 -13.60 16.18 3.41
C ASP B 191 -13.88 14.80 3.98
N GLY B 192 -14.97 14.64 4.70
CA GLY B 192 -15.25 13.38 5.37
C GLY B 192 -15.85 12.30 4.47
N PRO B 193 -15.60 11.01 4.77
CA PRO B 193 -16.19 9.89 4.03
C PRO B 193 -17.66 9.77 4.39
N ASP B 194 -18.47 9.31 3.44
CA ASP B 194 -19.91 9.21 3.66
C ASP B 194 -20.22 7.88 4.28
N VAL B 195 -19.94 7.80 5.59
CA VAL B 195 -20.03 6.55 6.30
C VAL B 195 -21.31 6.28 7.06
N GLU B 196 -22.11 7.28 7.38
CA GLU B 196 -23.34 7.04 8.16
CA GLU B 196 -23.29 7.04 8.17
C GLU B 196 -24.28 6.12 7.40
N PRO B 197 -24.48 6.36 6.08
CA PRO B 197 -25.41 5.44 5.41
C PRO B 197 -24.94 3.99 5.40
N ILE B 198 -23.63 3.75 5.44
CA ILE B 198 -23.08 2.39 5.45
C ILE B 198 -23.41 1.73 6.79
N VAL B 199 -23.14 2.45 7.87
CA VAL B 199 -23.43 1.94 9.21
C VAL B 199 -24.93 1.70 9.38
N ASN B 200 -25.76 2.66 8.95
CA ASN B 200 -27.19 2.50 9.03
C ASN B 200 -27.72 1.31 8.28
N LYS B 201 -27.18 1.03 7.11
CA LYS B 201 -27.67 -0.07 6.31
C LYS B 201 -27.30 -1.42 6.89
N TYR B 202 -26.04 -1.59 7.24
CA TYR B 202 -25.53 -2.89 7.65
C TYR B 202 -25.45 -3.10 9.14
N GLN B 203 -25.51 -2.00 9.91
CA GLN B 203 -25.37 -2.05 11.36
C GLN B 203 -26.41 -1.11 12.00
N PRO B 204 -27.70 -1.36 11.74
CA PRO B 204 -28.70 -0.44 12.20
C PRO B 204 -28.81 -0.24 13.71
N ASN B 205 -28.35 -1.21 14.49
CA ASN B 205 -28.39 -1.10 15.95
C ASN B 205 -27.04 -0.82 16.59
N CYS B 206 -26.07 -0.43 15.77
CA CYS B 206 -24.72 -0.12 16.21
C CYS B 206 -24.62 1.36 16.54
N LEU B 207 -24.03 1.67 17.68
CA LEU B 207 -23.79 3.05 18.07
C LEU B 207 -22.83 3.72 17.07
N PHE B 208 -23.26 4.81 16.48
CA PHE B 208 -22.48 5.58 15.51
C PHE B 208 -21.81 6.76 16.20
N TYR B 209 -20.48 6.71 16.24
CA TYR B 209 -19.68 7.74 16.88
C TYR B 209 -18.50 8.14 16.01
N HIS B 210 -18.57 9.23 15.22
CA HIS B 210 -19.63 10.19 15.07
C HIS B 210 -19.24 11.01 13.85
N ASN B 211 -20.08 11.93 13.44
CA ASN B 211 -19.75 12.87 12.37
C ASN B 211 -20.60 14.12 12.56
N ILE B 212 -20.54 15.06 11.63
CA ILE B 212 -21.25 16.32 11.74
CA ILE B 212 -21.25 16.32 11.83
C ILE B 212 -22.76 16.16 11.87
N ASP B 213 -23.27 15.06 11.35
CA ASP B 213 -24.72 14.83 11.32
C ASP B 213 -25.28 14.06 12.51
N ARG B 214 -24.45 13.25 13.13
CA ARG B 214 -24.91 12.33 14.14
C ARG B 214 -23.81 11.87 15.09
N ALA B 215 -24.15 11.86 16.38
CA ALA B 215 -23.31 11.22 17.42
C ALA B 215 -24.30 10.49 18.31
N ASP B 216 -24.13 9.18 18.51
CA ASP B 216 -25.01 8.41 19.39
C ASP B 216 -24.62 8.52 20.87
N PHE B 217 -23.43 9.02 21.14
CA PHE B 217 -23.01 9.45 22.49
C PHE B 217 -21.99 10.59 22.26
N ARG B 218 -21.61 11.31 23.32
CA ARG B 218 -20.64 12.41 23.19
C ARG B 218 -19.50 12.18 24.16
N TRP B 219 -18.34 12.66 23.78
CA TRP B 219 -17.18 12.63 24.65
C TRP B 219 -17.40 13.66 25.72
N GLY B 220 -17.15 13.29 26.97
CA GLY B 220 -17.36 14.19 28.09
C GLY B 220 -16.38 15.33 28.29
N GLY B 221 -15.43 15.48 27.39
CA GLY B 221 -14.54 16.64 27.42
C GLY B 221 -13.17 16.52 28.04
N SER B 222 -12.83 15.37 28.60
CA SER B 222 -11.50 15.20 29.16
C SER B 222 -11.23 13.72 29.06
N GLU B 223 -9.94 13.36 29.17
CA GLU B 223 -9.52 11.94 29.23
C GLU B 223 -9.11 11.56 30.65
N THR B 224 -9.88 12.05 31.61
CA THR B 224 -9.64 11.82 33.04
C THR B 224 -10.42 10.64 33.58
N GLY B 225 -11.27 10.05 32.77
CA GLY B 225 -12.13 8.94 33.22
C GLY B 225 -13.29 9.45 34.07
N THR B 226 -13.59 10.72 33.94
CA THR B 226 -14.71 11.37 34.67
C THR B 226 -15.48 12.34 33.78
N VAL B 227 -16.64 12.71 34.28
CA VAL B 227 -17.45 13.81 33.69
C VAL B 227 -17.74 14.75 34.85
N GLU B 228 -18.19 15.97 34.56
CA GLU B 228 -18.55 16.90 35.62
C GLU B 228 -19.96 16.61 36.10
N TYR B 229 -20.41 17.33 37.11
CA TYR B 229 -21.76 17.11 37.67
C TYR B 229 -22.47 18.45 37.82
N PRO B 230 -23.75 18.53 37.42
CA PRO B 230 -24.61 17.49 36.83
C PRO B 230 -24.17 17.06 35.44
N CYS B 231 -24.63 15.88 35.04
CA CYS B 231 -24.35 15.32 33.74
C CYS B 231 -25.63 14.73 33.16
N TRP B 232 -26.15 15.43 32.16
CA TRP B 232 -27.41 15.08 31.47
C TRP B 232 -27.10 14.41 30.16
N SER B 233 -27.99 13.55 29.70
CA SER B 233 -27.81 12.84 28.43
C SER B 233 -28.30 13.65 27.25
N THR B 234 -29.10 14.65 27.54
CA THR B 234 -29.75 15.46 26.52
C THR B 234 -28.81 16.54 26.01
N PHE B 235 -29.08 17.01 24.78
CA PHE B 235 -28.15 17.86 24.07
C PHE B 235 -28.90 18.72 23.04
N PRO B 236 -28.41 19.93 22.76
CA PRO B 236 -29.17 20.80 21.86
C PRO B 236 -29.16 20.41 20.39
N VAL B 237 -28.19 19.59 19.99
CA VAL B 237 -28.05 19.12 18.61
C VAL B 237 -27.83 17.61 18.65
N PRO B 238 -28.14 16.91 17.55
CA PRO B 238 -28.01 15.44 17.48
C PRO B 238 -26.57 14.93 17.27
N CYS B 239 -25.58 15.78 17.52
CA CYS B 239 -24.21 15.43 17.33
C CYS B 239 -23.38 16.20 18.33
N SER B 240 -22.08 15.91 18.37
CA SER B 240 -21.17 16.62 19.26
C SER B 240 -20.27 17.65 18.52
N HIS B 241 -20.58 17.93 17.24
CA HIS B 241 -19.80 18.86 16.38
C HIS B 241 -20.22 20.35 16.44
N HIS B 242 -19.24 21.24 16.53
CA HIS B 242 -19.49 22.70 16.53
C HIS B 242 -19.87 23.19 15.12
N ASP B 250 -19.76 27.63 25.57
CA ASP B 250 -18.52 26.85 25.74
C ASP B 250 -18.75 25.39 25.40
N GLN B 251 -18.11 24.93 24.32
CA GLN B 251 -18.23 23.53 23.87
C GLN B 251 -17.71 22.55 24.92
N LEU B 252 -16.54 22.80 25.51
CA LEU B 252 -15.98 21.91 26.53
C LEU B 252 -16.99 21.78 27.67
N GLU B 253 -17.58 22.90 28.08
CA GLU B 253 -18.63 22.94 29.11
C GLU B 253 -19.78 22.04 28.75
N LEU B 254 -20.35 22.29 27.56
CA LEU B 254 -21.55 21.60 27.10
C LEU B 254 -21.27 20.15 27.10
N LEU B 255 -20.05 19.78 26.71
CA LEU B 255 -19.64 18.38 26.72
C LEU B 255 -19.55 17.91 28.14
N LYS B 256 -19.06 18.77 29.01
CA LYS B 256 -18.88 18.44 30.44
CA LYS B 256 -18.90 18.41 30.44
C LYS B 256 -20.20 18.19 31.22
N HIS B 257 -21.25 18.97 30.95
CA HIS B 257 -22.57 18.80 31.64
C HIS B 257 -23.76 18.36 30.76
N GLY B 258 -23.69 18.57 29.46
CA GLY B 258 -24.87 18.33 28.63
C GLY B 258 -25.84 19.49 28.83
N ASP B 259 -27.06 19.34 28.31
CA ASP B 259 -28.11 20.36 28.37
C ASP B 259 -29.41 19.69 28.80
N LYS B 260 -29.85 19.95 30.03
CA LYS B 260 -31.05 19.31 30.55
C LYS B 260 -32.30 19.58 29.73
N ASN B 261 -32.30 20.68 28.99
CA ASN B 261 -33.42 21.05 28.14
C ASN B 261 -33.26 20.65 26.67
N GLY B 262 -32.14 20.01 26.33
CA GLY B 262 -31.88 19.61 24.94
C GLY B 262 -32.89 18.61 24.41
N ARG B 263 -33.19 18.70 23.12
CA ARG B 263 -34.17 17.83 22.48
C ARG B 263 -33.60 16.49 22.00
N TYR B 264 -32.27 16.40 21.90
CA TYR B 264 -31.57 15.21 21.40
C TYR B 264 -30.90 14.41 22.50
N TRP B 265 -30.86 13.08 22.32
CA TRP B 265 -30.29 12.16 23.29
C TRP B 265 -28.89 11.83 22.81
N VAL B 266 -27.89 12.47 23.43
CA VAL B 266 -26.49 12.30 23.04
C VAL B 266 -25.74 12.08 24.35
N PRO B 267 -25.88 10.89 24.92
CA PRO B 267 -25.36 10.66 26.28
C PRO B 267 -23.86 10.73 26.45
N ALA B 268 -23.42 10.99 27.69
CA ALA B 268 -22.01 11.21 28.00
C ALA B 268 -21.14 9.96 28.04
N MSE B 269 -19.91 10.15 27.57
CA MSE B 269 -18.88 9.13 27.61
C MSE B 269 -17.70 9.71 28.37
O MSE B 269 -17.37 10.88 28.16
CB MSE B 269 -18.47 8.78 26.17
CG MSE B 269 -17.39 7.72 26.03
SE MSE B 269 -15.62 8.44 25.88
CE MSE B 269 -15.77 8.84 23.94
N ALA B 270 -17.11 8.90 29.27
CA ALA B 270 -15.86 9.23 29.96
C ALA B 270 -14.82 8.24 29.48
N ASP B 271 -13.58 8.68 29.36
CA ASP B 271 -12.52 7.74 28.96
C ASP B 271 -11.21 8.06 29.61
N THR B 272 -10.39 7.02 29.77
CA THR B 272 -9.03 7.24 30.26
C THR B 272 -8.19 6.04 29.92
N PRO B 273 -6.90 6.29 29.62
CA PRO B 273 -5.96 5.15 29.57
C PRO B 273 -5.86 4.55 30.96
N LEU B 274 -5.67 3.24 31.04
CA LEU B 274 -5.31 2.63 32.31
C LEU B 274 -3.93 3.13 32.72
N ARG B 275 -3.05 3.26 31.72
CA ARG B 275 -1.69 3.73 31.92
C ARG B 275 -1.65 5.26 31.88
N GLY B 276 -2.29 5.85 32.88
CA GLY B 276 -2.38 7.31 32.99
C GLY B 276 -1.75 7.91 34.21
N ALA B 277 -0.97 7.11 34.94
CA ALA B 277 -0.35 7.56 36.17
C ALA B 277 1.05 8.13 36.00
N ASN B 278 1.45 8.90 37.02
CA ASN B 278 2.82 9.41 37.16
C ASN B 278 3.32 10.36 36.12
N GLY B 279 2.40 11.00 35.43
CA GLY B 279 2.74 11.97 34.38
C GLY B 279 2.59 11.36 33.00
N ARG B 280 2.32 10.07 32.91
CA ARG B 280 2.11 9.42 31.63
C ARG B 280 0.61 9.37 31.28
N HIS B 281 0.29 9.11 30.03
CA HIS B 281 -1.07 9.11 29.56
C HIS B 281 -1.07 8.38 28.24
N GLU B 282 -1.01 7.06 28.35
CA GLU B 282 -0.71 6.22 27.19
C GLU B 282 -1.82 5.30 26.69
N TRP B 283 -2.33 5.56 25.49
CA TRP B 283 -3.34 4.71 24.88
C TRP B 283 -2.73 3.48 24.20
N PHE B 284 -1.42 3.52 23.97
CA PHE B 284 -0.67 2.44 23.36
C PHE B 284 0.37 1.91 24.30
N TRP B 285 0.75 0.65 24.08
CA TRP B 285 1.86 0.06 24.79
C TRP B 285 3.19 0.69 24.33
N GLU B 286 3.98 1.10 25.31
CA GLU B 286 5.34 1.57 25.13
C GLU B 286 6.19 0.98 26.24
N PRO B 287 7.52 0.92 26.03
CA PRO B 287 8.38 0.37 27.05
C PRO B 287 8.39 1.16 28.35
N ASP B 288 8.58 0.44 29.45
CA ASP B 288 8.82 0.99 30.78
C ASP B 288 7.63 1.71 31.38
N ASP B 289 6.43 1.26 31.06
CA ASP B 289 5.19 1.86 31.57
C ASP B 289 4.47 0.95 32.56
N GLU B 290 5.12 -0.14 32.95
CA GLU B 290 4.44 -1.10 33.84
C GLU B 290 3.99 -0.53 35.16
N ASN B 291 4.72 0.47 35.66
CA ASN B 291 4.45 1.12 36.95
CA ASN B 291 4.34 1.04 36.94
C ASN B 291 3.58 2.35 36.78
N ASN B 292 3.08 2.58 35.58
CA ASN B 292 2.28 3.77 35.26
C ASN B 292 0.81 3.45 35.07
N ILE B 293 0.41 2.25 35.45
CA ILE B 293 -0.98 1.93 35.58
C ILE B 293 -1.54 2.66 36.82
N TYR B 294 -2.78 3.10 36.73
CA TYR B 294 -3.38 3.81 37.86
C TYR B 294 -3.60 2.91 39.06
N PRO B 295 -3.35 3.44 40.27
CA PRO B 295 -3.70 2.69 41.46
C PRO B 295 -5.19 2.37 41.52
N LEU B 296 -5.52 1.26 42.15
CA LEU B 296 -6.90 0.87 42.33
C LEU B 296 -7.77 1.96 42.92
N ASN B 297 -7.30 2.63 43.97
CA ASN B 297 -8.16 3.65 44.60
C ASN B 297 -8.47 4.79 43.67
N THR B 298 -7.51 5.15 42.82
CA THR B 298 -7.72 6.19 41.82
C THR B 298 -8.73 5.73 40.74
N LEU B 299 -8.59 4.50 40.25
CA LEU B 299 -9.55 3.99 39.30
C LEU B 299 -10.95 4.02 39.90
N MSE B 300 -11.06 3.70 41.20
CA MSE B 300 -12.38 3.72 41.83
C MSE B 300 -12.97 5.13 41.96
O MSE B 300 -14.21 5.30 41.79
CB MSE B 300 -12.35 3.01 43.19
CG MSE B 300 -12.11 1.50 43.12
SE MSE B 300 -13.29 0.54 42.00
CE MSE B 300 -14.97 1.11 42.95
N ASP B 301 -12.14 6.13 42.22
CA ASP B 301 -12.58 7.51 42.30
CA ASP B 301 -12.58 7.51 42.30
C ASP B 301 -13.13 7.90 40.94
N LYS B 302 -12.44 7.44 39.89
CA LYS B 302 -12.91 7.72 38.53
C LYS B 302 -14.23 7.03 38.20
N TYR B 303 -14.35 5.76 38.55
CA TYR B 303 -15.58 5.01 38.35
C TYR B 303 -16.77 5.78 38.99
N GLU B 304 -16.60 6.20 40.25
CA GLU B 304 -17.66 6.95 40.96
C GLU B 304 -18.01 8.28 40.27
N LYS B 305 -17.04 8.87 39.58
CA LYS B 305 -17.18 10.15 38.91
C LYS B 305 -17.42 10.04 37.40
N SER B 306 -17.75 8.82 36.96
CA SER B 306 -18.16 8.56 35.55
C SER B 306 -19.46 7.76 35.60
N VAL B 307 -19.32 6.48 35.88
CA VAL B 307 -20.46 5.61 36.03
C VAL B 307 -21.44 6.18 37.07
N GLY B 308 -20.91 6.72 38.16
CA GLY B 308 -21.73 7.34 39.21
C GLY B 308 -22.24 8.75 38.93
N ARG B 309 -21.95 9.26 37.73
CA ARG B 309 -22.39 10.55 37.21
C ARG B 309 -23.02 10.41 35.82
N ASN B 310 -23.69 9.27 35.58
CA ASN B 310 -24.46 9.08 34.36
C ASN B 310 -23.61 9.12 33.09
N ALA B 311 -22.42 8.58 33.16
CA ALA B 311 -21.52 8.51 32.00
C ALA B 311 -20.91 7.13 31.90
N THR B 312 -21.05 6.44 30.76
CA THR B 312 -20.39 5.16 30.55
C THR B 312 -18.87 5.42 30.35
N LEU B 313 -18.06 4.59 31.00
CA LEU B 313 -16.61 4.75 31.09
C LEU B 313 -15.93 3.76 30.18
N ILE B 314 -15.02 4.27 29.35
CA ILE B 314 -14.21 3.45 28.48
C ILE B 314 -12.74 3.49 28.97
N LEU B 315 -12.18 2.31 29.31
CA LEU B 315 -10.79 2.19 29.73
C LEU B 315 -9.90 1.88 28.52
N GLY B 316 -8.80 2.61 28.38
CA GLY B 316 -7.86 2.32 27.30
C GLY B 316 -6.87 1.29 27.74
N LEU B 317 -6.91 0.12 27.11
CA LEU B 317 -6.00 -0.99 27.42
C LEU B 317 -4.99 -1.17 26.29
N THR B 318 -3.83 -1.70 26.64
CA THR B 318 -2.65 -1.72 25.72
C THR B 318 -2.01 -3.11 25.53
N PRO B 319 -2.48 -3.83 24.50
CA PRO B 319 -1.78 -5.13 24.20
C PRO B 319 -0.30 -4.81 23.86
N ASP B 320 0.58 -5.69 24.29
CA ASP B 320 2.02 -5.52 24.18
C ASP B 320 2.55 -6.14 22.92
N PRO B 321 3.85 -6.00 22.64
CA PRO B 321 4.39 -6.54 21.37
C PRO B 321 4.34 -8.07 21.29
N THR B 322 4.08 -8.76 22.40
CA THR B 322 3.93 -10.23 22.37
C THR B 322 2.49 -10.62 22.00
N GLY B 323 1.57 -9.65 22.08
CA GLY B 323 0.17 -9.89 21.79
C GLY B 323 -0.72 -10.14 22.99
N LEU B 324 -0.31 -9.70 24.19
CA LEU B 324 -1.10 -9.85 25.38
C LEU B 324 -1.24 -8.55 26.18
N ILE B 325 -2.30 -8.50 26.98
CA ILE B 325 -2.44 -7.45 27.99
C ILE B 325 -1.41 -7.83 29.05
N PRO B 326 -0.52 -6.89 29.38
CA PRO B 326 0.50 -7.19 30.38
C PRO B 326 -0.04 -7.70 31.70
N ALA B 327 0.77 -8.52 32.35
CA ALA B 327 0.38 -9.16 33.58
C ALA B 327 -0.06 -8.17 34.67
N GLY B 328 0.73 -7.10 34.85
CA GLY B 328 0.42 -6.14 35.92
C GLY B 328 -0.90 -5.44 35.63
N ASP B 329 -1.13 -5.09 34.37
CA ASP B 329 -2.38 -4.44 33.92
C ASP B 329 -3.56 -5.35 34.16
N ALA B 330 -3.44 -6.62 33.78
CA ALA B 330 -4.53 -7.58 33.96
C ALA B 330 -4.88 -7.71 35.43
N GLN B 331 -3.87 -7.78 36.30
CA GLN B 331 -4.12 -7.87 37.74
C GLN B 331 -4.85 -6.65 38.26
N ARG B 332 -4.43 -5.49 37.82
CA ARG B 332 -5.07 -4.25 38.28
C ARG B 332 -6.52 -4.20 37.83
N LEU B 333 -6.81 -4.61 36.61
CA LEU B 333 -8.17 -4.66 36.08
C LEU B 333 -9.03 -5.60 36.93
N LYS B 334 -8.51 -6.76 37.28
CA LYS B 334 -9.24 -7.68 38.14
C LYS B 334 -9.55 -7.01 39.48
N GLU B 335 -8.54 -6.34 40.05
CA GLU B 335 -8.71 -5.65 41.33
C GLU B 335 -9.82 -4.64 41.25
N MSE B 336 -9.92 -3.93 40.11
CA MSE B 336 -10.99 -2.95 39.91
C MSE B 336 -12.40 -3.58 39.92
O MSE B 336 -13.33 -3.10 40.63
CB MSE B 336 -10.78 -2.20 38.57
CG MSE B 336 -11.79 -1.09 38.41
SE MSE B 336 -11.51 -0.13 36.77
CE MSE B 336 -12.79 1.31 37.04
N GLY B 337 -12.57 -4.67 39.16
CA GLY B 337 -13.85 -5.37 39.14
C GLY B 337 -14.20 -5.92 40.51
N ASP B 338 -13.21 -6.51 41.18
CA ASP B 338 -13.43 -7.04 42.51
C ASP B 338 -13.88 -5.97 43.50
N GLU B 339 -13.31 -4.76 43.37
CA GLU B 339 -13.59 -3.68 44.27
C GLU B 339 -14.96 -3.04 43.95
N ILE B 340 -15.35 -2.99 42.69
CA ILE B 340 -16.69 -2.47 42.38
C ILE B 340 -17.69 -3.44 43.03
N ASN B 341 -17.42 -4.73 42.91
CA ASN B 341 -18.28 -5.72 43.56
C ASN B 341 -18.28 -5.62 45.06
N ARG B 342 -17.12 -5.46 45.66
CA ARG B 342 -17.06 -5.32 47.09
C ARG B 342 -17.88 -4.15 47.62
N ARG B 343 -17.76 -2.98 46.96
CA ARG B 343 -18.46 -1.79 47.39
C ARG B 343 -19.95 -1.83 47.09
N PHE B 344 -20.32 -2.30 45.90
CA PHE B 344 -21.68 -2.07 45.43
C PHE B 344 -22.53 -3.28 45.06
N SER B 345 -22.04 -4.51 45.22
CA SER B 345 -22.84 -5.66 44.80
C SER B 345 -23.96 -6.00 45.78
N SER B 346 -23.74 -5.75 47.07
CA SER B 346 -24.68 -6.12 48.12
C SER B 346 -25.12 -4.97 49.00
N PRO B 347 -26.25 -4.34 48.66
CA PRO B 347 -26.71 -3.23 49.49
C PRO B 347 -27.28 -3.66 50.80
N ILE B 348 -27.31 -2.72 51.74
CA ILE B 348 -27.98 -2.92 53.00
C ILE B 348 -29.44 -3.13 52.70
N ALA B 349 -29.99 -2.30 51.82
CA ALA B 349 -31.40 -2.30 51.49
C ALA B 349 -31.57 -1.64 50.13
N ARG B 350 -32.61 -2.06 49.43
CA ARG B 350 -32.93 -1.53 48.12
CA ARG B 350 -32.93 -1.57 48.10
C ARG B 350 -34.43 -1.38 47.97
N ILE B 351 -34.84 -0.38 47.20
CA ILE B 351 -36.25 -0.13 46.92
C ILE B 351 -36.38 0.48 45.52
N SER B 352 -37.55 0.36 44.93
CA SER B 352 -37.85 0.95 43.64
C SER B 352 -39.28 1.49 43.64
N GLY B 353 -39.60 2.33 42.67
CA GLY B 353 -40.95 2.82 42.50
C GLY B 353 -41.09 4.01 41.59
N GLN B 354 -42.32 4.23 41.12
CA GLN B 354 -42.65 5.39 40.33
C GLN B 354 -43.26 6.37 41.32
N LYS B 355 -42.36 7.05 42.03
CA LYS B 355 -42.74 7.97 43.11
C LYS B 355 -41.77 9.12 43.22
N LYS B 356 -42.23 10.21 43.84
CA LYS B 356 -41.35 11.34 44.09
C LYS B 356 -40.64 11.17 45.43
N SER B 357 -41.03 10.17 46.22
CA SER B 357 -40.42 9.93 47.53
C SER B 357 -40.29 8.41 47.77
N LEU B 358 -39.10 7.95 48.19
CA LEU B 358 -38.87 6.55 48.53
C LEU B 358 -38.10 6.47 49.82
N THR B 359 -38.58 5.67 50.76
CA THR B 359 -37.92 5.48 52.05
C THR B 359 -37.37 4.09 52.15
N LEU B 360 -36.11 4.01 52.54
CA LEU B 360 -35.43 2.77 52.68
C LEU B 360 -35.30 2.47 54.18
N LYS B 361 -36.04 1.49 54.70
CA LYS B 361 -35.93 1.12 56.12
C LYS B 361 -34.73 0.19 56.21
N LEU B 362 -33.80 0.46 57.12
CA LEU B 362 -32.56 -0.31 57.12
C LEU B 362 -32.58 -1.67 57.84
N GLY B 363 -33.48 -1.84 58.80
CA GLY B 363 -33.59 -3.12 59.51
C GLY B 363 -33.10 -3.00 60.93
N LYS B 364 -32.03 -2.23 61.09
CA LYS B 364 -31.45 -1.99 62.40
C LYS B 364 -30.59 -0.75 62.23
N GLU B 365 -30.30 -0.08 63.33
CA GLU B 365 -29.43 1.08 63.29
C GLU B 365 -28.03 0.64 62.89
N GLN B 366 -27.47 1.30 61.88
CA GLN B 366 -26.17 0.93 61.40
C GLN B 366 -25.58 2.05 60.57
N SER B 367 -24.31 1.92 60.27
CA SER B 367 -23.60 2.96 59.55
C SER B 367 -23.93 2.87 58.06
N VAL B 368 -24.01 4.04 57.43
CA VAL B 368 -24.28 4.15 56.01
CA VAL B 368 -24.25 4.15 56.01
C VAL B 368 -23.45 5.32 55.48
N ASN B 369 -22.78 5.11 54.34
CA ASN B 369 -21.99 6.16 53.70
C ASN B 369 -22.12 6.27 52.17
N TYR B 370 -22.95 5.44 51.54
CA TYR B 370 -23.19 5.54 50.13
C TYR B 370 -24.63 5.22 49.77
N CYS B 371 -25.11 5.85 48.70
CA CYS B 371 -26.40 5.53 48.09
CA CYS B 371 -26.36 5.41 48.11
C CYS B 371 -26.19 5.44 46.59
N ILE B 372 -27.04 4.64 45.95
CA ILE B 372 -27.10 4.55 44.50
C ILE B 372 -28.56 4.84 44.15
N ILE B 373 -28.75 5.64 43.10
CA ILE B 373 -30.05 5.96 42.58
C ILE B 373 -29.98 5.70 41.09
N GLN B 374 -31.04 5.09 40.54
CA GLN B 374 -31.10 4.84 39.10
C GLN B 374 -32.51 5.09 38.59
N GLU B 375 -32.59 5.87 37.51
CA GLU B 375 -33.84 6.07 36.81
C GLU B 375 -33.93 4.99 35.73
N ASN B 376 -35.16 4.70 35.31
CA ASN B 376 -35.41 3.76 34.18
C ASN B 376 -35.15 4.59 32.95
N ILE B 377 -33.92 4.51 32.46
CA ILE B 377 -33.44 5.44 31.44
C ILE B 377 -34.22 5.43 30.15
N LYS B 378 -34.87 4.31 29.81
CA LYS B 378 -35.70 4.29 28.60
C LYS B 378 -36.80 5.34 28.64
N ASN B 379 -37.23 5.72 29.84
CA ASN B 379 -38.25 6.73 30.04
C ASN B 379 -37.76 8.16 30.24
N GLY B 380 -36.47 8.37 30.06
CA GLY B 380 -35.87 9.69 30.13
C GLY B 380 -35.30 10.09 31.47
N GLU B 381 -34.78 11.31 31.50
CA GLU B 381 -34.20 11.93 32.70
C GLU B 381 -35.26 12.84 33.28
N ARG B 382 -36.01 12.28 34.22
CA ARG B 382 -37.14 12.96 34.84
C ARG B 382 -36.82 13.77 36.06
N ILE B 383 -35.90 13.24 36.87
CA ILE B 383 -35.43 13.93 38.08
C ILE B 383 -34.60 15.17 37.74
N ARG B 384 -34.93 16.29 38.39
CA ARG B 384 -34.22 17.57 38.22
C ARG B 384 -33.55 18.09 39.51
N GLN B 385 -34.14 17.78 40.66
CA GLN B 385 -33.58 18.14 41.97
CA GLN B 385 -33.58 18.13 41.95
C GLN B 385 -33.97 17.05 42.95
N TYR B 386 -33.01 16.58 43.75
CA TYR B 386 -33.32 15.58 44.75
C TYR B 386 -32.44 15.78 45.99
N GLN B 387 -32.90 15.22 47.09
CA GLN B 387 -32.16 15.19 48.34
C GLN B 387 -32.24 13.80 48.93
N ILE B 388 -31.23 13.43 49.70
CA ILE B 388 -31.25 12.18 50.42
C ILE B 388 -31.08 12.56 51.89
N GLU B 389 -31.95 12.04 52.75
CA GLU B 389 -31.89 12.28 54.19
C GLU B 389 -31.68 10.94 54.87
N ALA B 390 -31.11 10.98 56.07
CA ALA B 390 -30.90 9.80 56.90
C ALA B 390 -31.59 10.06 58.22
N LYS B 391 -32.24 9.03 58.77
CA LYS B 391 -32.92 9.13 60.05
C LYS B 391 -31.90 8.72 61.12
N VAL B 392 -31.41 9.73 61.84
CA VAL B 392 -30.36 9.57 62.85
C VAL B 392 -30.93 9.94 64.21
N ASN B 393 -30.91 8.99 65.13
CA ASN B 393 -31.51 9.15 66.44
C ASN B 393 -32.94 9.67 66.33
N GLY B 394 -33.69 9.05 65.42
CA GLY B 394 -35.09 9.38 65.21
C GLY B 394 -35.39 10.66 64.47
N LYS B 395 -34.37 11.40 64.03
CA LYS B 395 -34.59 12.65 63.32
C LYS B 395 -33.90 12.66 61.95
N TRP B 396 -34.60 13.16 60.95
CA TRP B 396 -34.04 13.26 59.60
C TRP B 396 -32.98 14.36 59.48
N GLN B 397 -31.89 14.06 58.79
CA GLN B 397 -30.85 15.05 58.48
C GLN B 397 -30.46 14.79 57.02
N THR B 398 -30.15 15.85 56.29
CA THR B 398 -29.83 15.73 54.88
C THR B 398 -28.39 15.30 54.74
N VAL B 399 -28.14 14.26 53.96
CA VAL B 399 -26.78 13.81 53.74
C VAL B 399 -26.23 14.19 52.37
N CYS B 400 -27.11 14.41 51.39
CA CYS B 400 -26.67 14.93 50.10
C CYS B 400 -27.81 15.48 49.29
N LYS B 401 -27.43 16.27 48.29
CA LYS B 401 -28.37 16.96 47.40
C LYS B 401 -27.80 16.93 46.02
N GLY B 402 -28.67 16.73 45.03
CA GLY B 402 -28.23 16.69 43.66
C GLY B 402 -29.27 17.13 42.67
N GLU B 403 -28.97 16.88 41.40
CA GLU B 403 -29.82 17.26 40.28
C GLU B 403 -30.09 16.08 39.37
N SER B 404 -29.17 15.83 38.45
CA SER B 404 -29.28 14.74 37.53
C SER B 404 -29.02 13.39 38.19
N VAL B 405 -29.76 12.41 37.72
CA VAL B 405 -29.57 11.03 38.13
C VAL B 405 -29.32 10.22 36.86
N GLY B 406 -30.33 10.06 36.01
CA GLY B 406 -30.14 9.27 34.79
C GLY B 406 -29.98 7.80 35.06
N HIS B 407 -29.11 7.13 34.31
CA HIS B 407 -28.96 5.70 34.46
C HIS B 407 -28.42 5.33 35.84
N LYS B 408 -27.49 6.12 36.35
CA LYS B 408 -26.89 5.81 37.65
C LYS B 408 -26.23 7.00 38.29
N ARG B 409 -26.55 7.19 39.56
CA ARG B 409 -25.92 8.17 40.42
C ARG B 409 -25.31 7.43 41.62
N ILE B 410 -24.03 7.69 41.92
CA ILE B 410 -23.40 7.16 43.13
C ILE B 410 -23.14 8.35 44.03
N GLU B 411 -23.71 8.32 45.25
CA GLU B 411 -23.47 9.35 46.26
C GLU B 411 -22.68 8.75 47.41
N LYS B 412 -21.55 9.40 47.74
CA LYS B 412 -20.69 9.03 48.87
C LYS B 412 -20.74 10.21 49.84
N PHE B 413 -20.94 9.94 51.14
CA PHE B 413 -21.09 10.97 52.14
C PHE B 413 -20.46 10.49 53.45
N GLU B 414 -20.17 11.44 54.32
CA GLU B 414 -19.62 11.12 55.63
C GLU B 414 -20.59 10.11 56.30
N PRO B 415 -20.04 9.06 56.95
CA PRO B 415 -20.95 8.03 57.45
C PRO B 415 -21.88 8.47 58.56
N VAL B 416 -23.10 7.98 58.55
CA VAL B 416 -24.03 8.30 59.62
C VAL B 416 -24.62 6.98 60.15
N GLU B 417 -25.02 6.98 61.42
CA GLU B 417 -25.68 5.84 62.07
C GLU B 417 -27.16 6.10 61.95
N ALA B 418 -27.78 5.41 60.99
CA ALA B 418 -29.13 5.67 60.59
C ALA B 418 -30.01 4.41 60.65
N THR B 419 -31.31 4.62 60.76
CA THR B 419 -32.30 3.52 60.71
C THR B 419 -33.09 3.53 59.40
N ALA B 420 -32.97 4.61 58.65
CA ALA B 420 -33.64 4.75 57.37
C ALA B 420 -32.96 5.83 56.55
N LEU B 421 -33.16 5.75 55.24
CA LEU B 421 -32.71 6.75 54.30
C LEU B 421 -33.93 7.09 53.47
N ARG B 422 -34.05 8.36 53.06
CA ARG B 422 -35.17 8.79 52.26
C ARG B 422 -34.73 9.64 51.10
N LEU B 423 -35.18 9.24 49.90
CA LEU B 423 -34.95 9.98 48.68
C LEU B 423 -36.19 10.80 48.41
N THR B 424 -36.02 12.10 48.22
CA THR B 424 -37.09 13.01 47.85
C THR B 424 -36.72 13.67 46.53
N VAL B 425 -37.60 13.60 45.54
CA VAL B 425 -37.39 14.31 44.26
C VAL B 425 -38.25 15.57 44.35
N SER B 426 -37.60 16.71 44.59
CA SER B 426 -38.30 17.98 44.78
C SER B 426 -38.65 18.69 43.49
N GLU B 427 -37.98 18.35 42.39
CA GLU B 427 -38.27 18.91 41.08
C GLU B 427 -38.12 17.79 40.07
N SER B 428 -39.14 17.61 39.22
CA SER B 428 -39.10 16.61 38.17
C SER B 428 -39.94 17.09 37.00
N ILE B 429 -39.68 16.59 35.81
CA ILE B 429 -40.41 16.98 34.60
C ILE B 429 -41.48 15.94 34.23
N ALA B 430 -41.51 14.83 34.96
CA ALA B 430 -42.52 13.78 34.80
C ALA B 430 -42.38 12.89 36.02
N LEU B 431 -43.36 12.03 36.28
CA LEU B 431 -43.27 11.16 37.46
C LEU B 431 -42.01 10.31 37.39
N PRO B 432 -41.11 10.44 38.40
CA PRO B 432 -39.91 9.62 38.32
C PRO B 432 -40.18 8.11 38.27
N ASP B 433 -39.31 7.40 37.57
CA ASP B 433 -39.41 5.95 37.40
C ASP B 433 -38.08 5.42 37.93
N ILE B 434 -38.06 5.23 39.25
CA ILE B 434 -36.84 4.84 39.96
C ILE B 434 -36.73 3.33 40.08
N ILE B 435 -35.77 2.77 39.36
CA ILE B 435 -35.57 1.32 39.35
C ILE B 435 -34.68 0.85 40.50
N ASN B 436 -33.98 1.79 41.15
CA ASN B 436 -33.09 1.41 42.22
C ASN B 436 -32.78 2.59 43.08
N PHE B 437 -33.10 2.48 44.37
CA PHE B 437 -32.61 3.40 45.41
C PHE B 437 -32.05 2.42 46.46
N SER B 438 -30.72 2.42 46.64
CA SER B 438 -30.02 1.47 47.52
CA SER B 438 -30.10 1.51 47.58
C SER B 438 -29.07 2.21 48.45
N ALA B 439 -28.82 1.59 49.61
CA ALA B 439 -27.92 2.09 50.63
C ALA B 439 -26.81 1.07 50.86
N TYR B 440 -25.62 1.57 51.13
CA TYR B 440 -24.45 0.74 51.41
C TYR B 440 -23.60 1.31 52.53
N SER B 441 -22.84 0.42 53.15
CA SER B 441 -21.81 0.83 54.10
C SER B 441 -20.51 0.25 53.61
N VAL B 442 -19.57 1.10 53.18
CA VAL B 442 -18.30 0.63 52.66
C VAL B 442 -17.19 1.05 53.58
N LYS B 443 -16.51 0.05 54.12
CA LYS B 443 -15.36 0.29 54.98
C LYS B 443 -14.11 0.49 54.12
N1 EPE C . 10.86 6.64 -22.82
C2 EPE C . 9.56 5.98 -22.82
C3 EPE C . 8.65 6.96 -23.59
N4 EPE C . 9.11 7.07 -24.97
C5 EPE C . 10.37 7.73 -24.94
C6 EPE C . 11.35 6.80 -24.17
C7 EPE C . 8.04 7.71 -25.74
C8 EPE C . 8.30 8.17 -27.16
O8 EPE C . 8.63 7.12 -28.04
C9 EPE C . 11.78 6.11 -21.78
C10 EPE C . 12.39 4.84 -22.26
S EPE C . 13.46 4.02 -21.05
O1S EPE C . 14.14 3.10 -21.93
O2S EPE C . 12.63 3.37 -20.05
O3S EPE C . 14.42 5.00 -20.47
C1 EDO D . 7.73 1.03 -22.34
O1 EDO D . 7.83 0.88 -20.93
C2 EDO D . 9.10 0.76 -22.86
O2 EDO D . 9.92 1.86 -22.52
C1 EDO E . 25.27 8.17 -3.57
O1 EDO E . 25.56 8.82 -4.82
C2 EDO E . 24.12 8.84 -2.84
O2 EDO E . 24.62 9.74 -1.81
C1 EDO F . 16.90 9.97 -18.43
O1 EDO F . 18.22 9.48 -18.65
C2 EDO F . 16.82 11.47 -18.71
O2 EDO F . 17.49 11.77 -19.94
NA NA G . -7.01 -1.51 -19.86
O1 UNL H . -11.99 10.11 18.81
O2 UNL H . -13.09 11.35 19.73
O3 UNL H . -14.19 12.48 19.01
O4 UNL H . -10.80 10.42 23.90
O5 UNL H . -11.97 11.30 23.02
O6 UNL H . -11.25 11.14 21.39
O7 UNL H . -2.88 8.29 21.18
O8 UNL H . -4.45 7.91 20.55
O9 UNL H . -5.73 7.80 19.74
C1 EDO I . -8.64 7.15 21.86
O1 EDO I . -7.84 7.14 20.64
C2 EDO I . -8.44 8.48 22.49
O2 EDO I . -9.01 9.35 21.53
C1 EDO J . -10.16 2.00 -2.92
O1 EDO J . -9.51 1.21 -3.89
C2 EDO J . -10.92 3.17 -3.55
O2 EDO J . -11.92 2.67 -4.43
C1 EDO K . 11.42 2.02 3.38
O1 EDO K . 12.39 1.43 4.35
C2 EDO K . 10.43 0.84 3.12
O2 EDO K . 9.39 0.79 4.07
C1 EDO L . 6.01 -8.34 28.31
O1 EDO L . 7.17 -8.44 27.51
C2 EDO L . 5.49 -6.87 28.15
O2 EDO L . 4.20 -6.76 28.74
C1 EDO M . -24.01 -5.79 19.67
O1 EDO M . -24.20 -4.72 20.63
C2 EDO M . -25.32 -6.48 19.31
O2 EDO M . -26.13 -5.66 18.45
NA NA N . 6.58 2.20 20.24
#